data_1WEK
#
_entry.id   1WEK
#
_cell.length_a   65.650
_cell.length_b   83.798
_cell.length_c   265.143
_cell.angle_alpha   90.00
_cell.angle_beta   90.00
_cell.angle_gamma   90.00
#
_symmetry.space_group_name_H-M   'P 21 21 21'
#
loop_
_entity.id
_entity.type
_entity.pdbx_description
1 polymer 'hypothetical protein TT1465'
2 non-polymer 'PHOSPHATE ION'
3 water water
#
_entity_poly.entity_id   1
_entity_poly.type   'polypeptide(L)'
_entity_poly.pdbx_seq_one_letter_code
;(MSE)PKKPLIDQLHHEDSWRLFRILAEFVEGFETLSELQVPLVSVFGSARFGEGHPAYEAGYRLGRALAEAGFGVVTGG
GPGV(MSE)EAVNRGAYEAGGVSVGLNIELPHEQKPNPYQTHALSLRYFFVRKVLFVRYAVGFVFLPGGFGTLDELSEVL
VLLQTEKVHRFPVFLLDRGYWEGLVRWLAFLRDQKAVGPEDLQLFRLTDEPEEVVQALKAEAPPR
;
_entity_poly.pdbx_strand_id   A,B,C,D,E,F
#
# COMPACT_ATOMS: atom_id res chain seq x y z
N PRO A 5 -22.89 2.19 9.41
CA PRO A 5 -21.43 2.47 9.55
C PRO A 5 -20.75 2.72 8.20
N LEU A 6 -19.42 2.72 8.24
CA LEU A 6 -18.64 2.92 7.02
C LEU A 6 -18.30 1.55 6.48
N ILE A 7 -18.47 0.54 7.33
CA ILE A 7 -18.18 -0.84 6.93
C ILE A 7 -18.95 -1.21 5.66
N ASP A 8 -20.19 -0.74 5.56
CA ASP A 8 -21.04 -0.99 4.41
C ASP A 8 -20.49 -0.22 3.21
N GLN A 9 -20.12 1.03 3.45
CA GLN A 9 -19.57 1.93 2.45
C GLN A 9 -18.28 1.30 1.87
N LEU A 10 -17.35 0.93 2.74
CA LEU A 10 -16.11 0.31 2.29
C LEU A 10 -16.42 -0.96 1.51
N HIS A 11 -17.49 -1.64 1.91
CA HIS A 11 -17.90 -2.88 1.24
C HIS A 11 -18.34 -2.61 -0.19
N HIS A 12 -19.18 -1.59 -0.39
CA HIS A 12 -19.66 -1.26 -1.72
C HIS A 12 -18.50 -0.80 -2.61
N GLU A 13 -17.49 -0.18 -2.00
CA GLU A 13 -16.33 0.28 -2.75
C GLU A 13 -15.57 -0.96 -3.25
N ASP A 14 -15.67 -2.06 -2.51
CA ASP A 14 -15.04 -3.33 -2.90
C ASP A 14 -13.60 -3.14 -3.35
N SER A 15 -12.80 -2.50 -2.51
CA SER A 15 -11.41 -2.22 -2.85
C SER A 15 -10.39 -3.32 -2.62
N TRP A 16 -10.78 -4.35 -1.86
CA TRP A 16 -9.89 -5.45 -1.59
C TRP A 16 -9.53 -6.13 -2.92
N ARG A 17 -10.25 -5.79 -3.97
CA ARG A 17 -9.94 -6.36 -5.27
C ARG A 17 -8.59 -5.86 -5.79
N LEU A 18 -8.19 -4.67 -5.32
CA LEU A 18 -6.95 -4.04 -5.75
C LEU A 18 -5.67 -4.78 -5.34
N PHE A 19 -5.74 -5.59 -4.30
CA PHE A 19 -4.59 -6.33 -3.85
C PHE A 19 -4.13 -7.23 -5.00
N ARG A 20 -5.07 -7.99 -5.55
CA ARG A 20 -4.75 -8.89 -6.66
C ARG A 20 -4.34 -8.10 -7.91
N ILE A 21 -5.12 -7.08 -8.25
CA ILE A 21 -4.83 -6.25 -9.40
C ILE A 21 -3.42 -5.67 -9.33
N LEU A 22 -3.05 -5.15 -8.15
CA LEU A 22 -1.73 -4.59 -7.93
C LEU A 22 -0.64 -5.65 -8.06
N ALA A 23 -0.91 -6.83 -7.50
CA ALA A 23 0.02 -7.94 -7.55
C ALA A 23 0.29 -8.33 -9.00
N GLU A 24 -0.74 -8.31 -9.83
CA GLU A 24 -0.59 -8.66 -11.24
C GLU A 24 0.21 -7.61 -12.00
N PHE A 25 -0.01 -6.33 -11.71
CA PHE A 25 0.74 -5.25 -12.35
C PHE A 25 2.21 -5.36 -11.96
N VAL A 26 2.44 -5.44 -10.65
CA VAL A 26 3.80 -5.53 -10.13
C VAL A 26 4.54 -6.74 -10.67
N GLU A 27 3.87 -7.89 -10.68
CA GLU A 27 4.49 -9.11 -11.17
C GLU A 27 4.75 -8.94 -12.66
N GLY A 28 3.77 -8.39 -13.37
CA GLY A 28 3.92 -8.18 -14.79
C GLY A 28 5.10 -7.27 -15.10
N PHE A 29 5.26 -6.18 -14.34
CA PHE A 29 6.36 -5.27 -14.60
C PHE A 29 7.71 -5.95 -14.34
N GLU A 30 7.81 -6.66 -13.21
CA GLU A 30 9.04 -7.35 -12.81
C GLU A 30 9.49 -8.33 -13.86
N THR A 31 8.54 -9.08 -14.40
CA THR A 31 8.82 -10.08 -15.40
C THR A 31 9.21 -9.50 -16.76
N LEU A 32 8.32 -8.75 -17.38
CA LEU A 32 8.63 -8.18 -18.68
C LEU A 32 9.81 -7.23 -18.68
N SER A 33 10.04 -6.54 -17.57
CA SER A 33 11.17 -5.61 -17.47
C SER A 33 12.52 -6.30 -17.57
N GLU A 34 12.59 -7.55 -17.11
CA GLU A 34 13.83 -8.30 -17.15
C GLU A 34 14.20 -8.84 -18.53
N LEU A 35 13.22 -9.05 -19.39
CA LEU A 35 13.52 -9.57 -20.72
C LEU A 35 14.56 -8.66 -21.38
N GLN A 36 15.42 -9.25 -22.21
CA GLN A 36 16.47 -8.49 -22.86
C GLN A 36 16.43 -8.46 -24.37
N VAL A 37 15.23 -8.56 -24.92
CA VAL A 37 15.04 -8.49 -26.36
C VAL A 37 13.86 -7.57 -26.58
N PRO A 38 13.84 -6.89 -27.74
CA PRO A 38 12.73 -5.99 -28.05
C PRO A 38 11.49 -6.89 -28.13
N LEU A 39 10.39 -6.44 -27.56
CA LEU A 39 9.18 -7.25 -27.54
C LEU A 39 8.11 -6.74 -28.50
N VAL A 40 7.57 -7.67 -29.29
CA VAL A 40 6.54 -7.40 -30.27
C VAL A 40 5.23 -8.08 -29.84
N SER A 41 4.18 -7.29 -29.72
CA SER A 41 2.87 -7.84 -29.34
C SER A 41 2.21 -8.34 -30.60
N VAL A 42 1.69 -9.57 -30.53
CA VAL A 42 1.07 -10.21 -31.68
C VAL A 42 -0.32 -10.74 -31.33
N PHE A 43 -1.28 -10.52 -32.21
CA PHE A 43 -2.65 -10.94 -31.95
C PHE A 43 -3.28 -11.70 -33.11
N GLY A 44 -4.17 -12.63 -32.78
CA GLY A 44 -4.84 -13.39 -33.80
C GLY A 44 -5.92 -14.27 -33.18
N SER A 45 -6.79 -14.80 -34.03
CA SER A 45 -7.89 -15.67 -33.62
C SER A 45 -7.53 -16.86 -32.75
N ALA A 46 -8.30 -17.02 -31.68
CA ALA A 46 -8.12 -18.15 -30.78
C ALA A 46 -8.81 -19.39 -31.34
N ARG A 47 -9.50 -19.23 -32.47
CA ARG A 47 -10.26 -20.33 -33.08
C ARG A 47 -9.71 -20.94 -34.38
N PHE A 48 -8.81 -20.23 -35.06
CA PHE A 48 -8.24 -20.74 -36.30
C PHE A 48 -7.04 -21.62 -35.95
N GLY A 49 -7.22 -22.94 -36.00
CA GLY A 49 -6.16 -23.86 -35.67
C GLY A 49 -5.21 -24.30 -36.78
N GLU A 50 -4.38 -25.29 -36.47
CA GLU A 50 -3.41 -25.80 -37.44
C GLU A 50 -4.06 -26.09 -38.78
N GLY A 51 -3.42 -25.67 -39.86
CA GLY A 51 -3.97 -25.90 -41.19
C GLY A 51 -4.66 -24.68 -41.78
N HIS A 52 -5.20 -23.85 -40.90
CA HIS A 52 -5.89 -22.63 -41.29
C HIS A 52 -4.85 -21.59 -41.73
N PRO A 53 -5.14 -20.80 -42.77
CA PRO A 53 -4.22 -19.78 -43.29
C PRO A 53 -3.68 -18.83 -42.21
N ALA A 54 -4.56 -18.41 -41.30
CA ALA A 54 -4.15 -17.51 -40.23
C ALA A 54 -3.14 -18.17 -39.30
N TYR A 55 -3.30 -19.48 -39.09
CA TYR A 55 -2.40 -20.21 -38.22
C TYR A 55 -1.02 -20.35 -38.84
N GLU A 56 -1.00 -20.79 -40.09
CA GLU A 56 0.27 -20.97 -40.77
C GLU A 56 1.01 -19.64 -40.84
N ALA A 57 0.29 -18.59 -41.24
CA ALA A 57 0.89 -17.27 -41.33
C ALA A 57 1.44 -16.87 -39.97
N GLY A 58 0.68 -17.17 -38.92
CA GLY A 58 1.09 -16.85 -37.57
C GLY A 58 2.37 -17.60 -37.22
N TYR A 59 2.44 -18.87 -37.64
CA TYR A 59 3.63 -19.64 -37.35
C TYR A 59 4.84 -18.98 -38.01
N ARG A 60 4.71 -18.59 -39.28
CA ARG A 60 5.80 -17.95 -40.02
C ARG A 60 6.25 -16.64 -39.36
N LEU A 61 5.29 -15.81 -38.95
CA LEU A 61 5.59 -14.53 -38.30
C LEU A 61 6.35 -14.79 -37.02
N GLY A 62 5.84 -15.71 -36.21
CA GLY A 62 6.49 -16.04 -34.95
C GLY A 62 7.93 -16.48 -35.18
N ARG A 63 8.14 -17.37 -36.14
CA ARG A 63 9.47 -17.84 -36.46
C ARG A 63 10.38 -16.71 -37.00
N ALA A 64 9.83 -15.86 -37.87
CA ALA A 64 10.63 -14.77 -38.44
C ALA A 64 11.10 -13.77 -37.38
N LEU A 65 10.19 -13.36 -36.51
CA LEU A 65 10.56 -12.40 -35.46
C LEU A 65 11.68 -12.92 -34.55
N ALA A 66 11.59 -14.18 -34.15
CA ALA A 66 12.62 -14.79 -33.31
C ALA A 66 13.96 -14.77 -34.06
N GLU A 67 13.91 -15.14 -35.33
CA GLU A 67 15.12 -15.16 -36.14
C GLU A 67 15.75 -13.77 -36.17
N ALA A 68 14.93 -12.76 -36.41
CA ALA A 68 15.39 -11.37 -36.46
C ALA A 68 15.85 -10.84 -35.11
N GLY A 69 15.57 -11.60 -34.05
CA GLY A 69 15.98 -11.16 -32.74
C GLY A 69 14.91 -10.58 -31.83
N PHE A 70 13.64 -10.69 -32.18
CA PHE A 70 12.57 -10.17 -31.31
C PHE A 70 11.96 -11.28 -30.47
N GLY A 71 11.34 -10.88 -29.37
CA GLY A 71 10.64 -11.82 -28.52
C GLY A 71 9.17 -11.55 -28.85
N VAL A 72 8.32 -12.57 -28.84
CA VAL A 72 6.92 -12.34 -29.13
C VAL A 72 6.11 -12.44 -27.84
N VAL A 73 5.10 -11.59 -27.73
CA VAL A 73 4.21 -11.56 -26.59
C VAL A 73 2.79 -11.74 -27.13
N THR A 74 2.11 -12.79 -26.67
CA THR A 74 0.75 -13.08 -27.12
C THR A 74 -0.11 -13.31 -25.88
N GLY A 75 -1.40 -13.59 -26.08
CA GLY A 75 -2.28 -13.85 -24.96
C GLY A 75 -2.16 -15.28 -24.44
N GLY A 76 -1.18 -16.02 -24.95
CA GLY A 76 -0.96 -17.39 -24.50
C GLY A 76 -2.05 -18.40 -24.83
N GLY A 77 -3.08 -17.99 -25.57
CA GLY A 77 -4.17 -18.89 -25.91
C GLY A 77 -3.94 -19.80 -27.11
N PRO A 78 -5.02 -20.42 -27.65
CA PRO A 78 -5.05 -21.33 -28.81
C PRO A 78 -4.99 -20.55 -30.12
N GLY A 79 -5.23 -21.26 -31.23
CA GLY A 79 -5.26 -20.66 -32.55
C GLY A 79 -4.00 -19.93 -32.99
N VAL A 80 -4.19 -18.74 -33.54
CA VAL A 80 -3.07 -17.95 -34.04
C VAL A 80 -2.07 -17.58 -32.95
N GLU A 82 -1.25 -19.46 -30.41
CA GLU A 82 -0.44 -20.64 -30.26
C GLU A 82 0.59 -20.72 -31.39
N ALA A 83 0.14 -20.62 -32.64
CA ALA A 83 1.05 -20.68 -33.77
C ALA A 83 2.16 -19.65 -33.65
N VAL A 84 1.80 -18.42 -33.24
CA VAL A 84 2.81 -17.38 -33.09
C VAL A 84 3.83 -17.71 -32.00
N ASN A 85 3.36 -18.22 -30.86
CA ASN A 85 4.26 -18.59 -29.76
C ASN A 85 5.13 -19.78 -30.21
N ARG A 86 4.51 -20.70 -30.93
CA ARG A 86 5.19 -21.90 -31.41
C ARG A 86 6.31 -21.56 -32.39
N GLY A 87 6.01 -20.70 -33.35
CA GLY A 87 7.02 -20.32 -34.32
C GLY A 87 8.23 -19.74 -33.62
N ALA A 88 7.98 -18.91 -32.62
CA ALA A 88 9.04 -18.26 -31.87
C ALA A 88 9.77 -19.29 -31.02
N TYR A 89 9.00 -20.03 -30.23
CA TYR A 89 9.53 -21.05 -29.36
C TYR A 89 10.46 -21.98 -30.12
N GLU A 90 9.94 -22.59 -31.18
CA GLU A 90 10.74 -23.53 -31.96
C GLU A 90 11.95 -22.94 -32.67
N ALA A 91 12.01 -21.62 -32.79
CA ALA A 91 13.19 -21.00 -33.43
C ALA A 91 14.12 -20.51 -32.33
N GLY A 92 13.83 -20.94 -31.10
CA GLY A 92 14.65 -20.58 -29.97
C GLY A 92 14.53 -19.15 -29.47
N GLY A 93 13.43 -18.49 -29.77
CA GLY A 93 13.29 -17.13 -29.30
C GLY A 93 12.46 -17.01 -28.03
N VAL A 94 12.46 -15.82 -27.44
CA VAL A 94 11.67 -15.57 -26.25
C VAL A 94 10.18 -15.56 -26.64
N SER A 95 9.38 -16.42 -26.00
CA SER A 95 7.96 -16.47 -26.30
C SER A 95 7.16 -16.19 -25.02
N VAL A 96 6.43 -15.08 -24.99
CA VAL A 96 5.64 -14.72 -23.82
C VAL A 96 4.13 -14.85 -24.01
N GLY A 97 3.47 -15.32 -22.96
CA GLY A 97 2.03 -15.48 -23.01
C GLY A 97 1.43 -14.72 -21.85
N LEU A 98 0.45 -13.87 -22.14
CA LEU A 98 -0.23 -13.11 -21.08
C LEU A 98 -1.60 -13.76 -21.00
N ASN A 99 -1.62 -14.96 -20.42
CA ASN A 99 -2.84 -15.76 -20.30
C ASN A 99 -3.92 -15.13 -19.46
N ILE A 100 -5.14 -15.16 -19.99
CA ILE A 100 -6.27 -14.57 -19.30
C ILE A 100 -7.14 -15.67 -18.70
N GLU A 101 -7.52 -15.50 -17.43
CA GLU A 101 -8.36 -16.49 -16.77
C GLU A 101 -9.83 -16.24 -17.11
N LEU A 102 -10.46 -17.20 -17.78
CA LEU A 102 -11.85 -17.08 -18.20
C LEU A 102 -12.78 -18.16 -17.63
N PRO A 103 -14.07 -17.83 -17.50
CA PRO A 103 -15.14 -18.69 -16.98
C PRO A 103 -15.11 -20.05 -17.68
N HIS A 104 -14.88 -20.01 -18.99
CA HIS A 104 -14.79 -21.22 -19.80
C HIS A 104 -13.36 -21.22 -20.29
N GLU A 105 -12.47 -21.59 -19.38
CA GLU A 105 -11.04 -21.63 -19.64
C GLU A 105 -10.54 -22.36 -20.88
N GLN A 106 -9.68 -21.67 -21.62
CA GLN A 106 -9.02 -22.22 -22.78
C GLN A 106 -7.69 -22.59 -22.12
N LYS A 107 -7.03 -23.65 -22.57
CA LYS A 107 -5.76 -24.02 -21.95
C LYS A 107 -4.60 -23.23 -22.53
N PRO A 108 -3.61 -22.86 -21.69
CA PRO A 108 -2.44 -22.10 -22.14
C PRO A 108 -1.65 -22.97 -23.12
N ASN A 109 -1.23 -22.43 -24.24
CA ASN A 109 -0.48 -23.25 -25.18
C ASN A 109 0.85 -23.66 -24.52
N PRO A 110 1.54 -24.65 -25.08
CA PRO A 110 2.80 -25.05 -24.45
C PRO A 110 4.05 -24.42 -25.03
N TYR A 111 3.89 -23.31 -25.74
CA TYR A 111 5.05 -22.68 -26.36
C TYR A 111 5.42 -21.34 -25.77
N GLN A 112 5.39 -21.24 -24.46
CA GLN A 112 5.72 -19.98 -23.81
C GLN A 112 7.01 -20.06 -23.00
N THR A 113 7.97 -19.21 -23.32
CA THR A 113 9.23 -19.15 -22.59
C THR A 113 8.99 -18.45 -21.24
N HIS A 114 7.91 -17.67 -21.19
CA HIS A 114 7.52 -16.94 -19.99
C HIS A 114 6.00 -16.85 -20.01
N ALA A 115 5.36 -17.45 -19.00
CA ALA A 115 3.91 -17.45 -18.90
C ALA A 115 3.38 -16.72 -17.67
N LEU A 116 2.46 -15.81 -17.90
CA LEU A 116 1.84 -15.07 -16.81
C LEU A 116 0.34 -15.31 -16.88
N SER A 117 -0.30 -15.51 -15.73
CA SER A 117 -1.75 -15.71 -15.73
C SER A 117 -2.37 -14.54 -15.00
N LEU A 118 -3.28 -13.87 -15.69
CA LEU A 118 -3.95 -12.68 -15.20
C LEU A 118 -5.46 -12.87 -15.16
N ARG A 119 -6.10 -12.36 -14.13
CA ARG A 119 -7.55 -12.47 -14.00
C ARG A 119 -8.24 -11.32 -14.75
N TYR A 120 -7.50 -10.23 -14.94
CA TYR A 120 -8.05 -9.04 -15.57
C TYR A 120 -7.59 -8.61 -16.94
N PHE A 121 -8.54 -8.44 -17.85
CA PHE A 121 -8.23 -8.01 -19.20
C PHE A 121 -7.42 -6.71 -19.20
N PHE A 122 -7.85 -5.72 -18.41
CA PHE A 122 -7.14 -4.46 -18.39
C PHE A 122 -5.66 -4.59 -17.99
N VAL A 123 -5.34 -5.40 -16.99
CA VAL A 123 -3.92 -5.57 -16.63
C VAL A 123 -3.16 -6.14 -17.83
N ARG A 124 -3.73 -7.17 -18.43
CA ARG A 124 -3.13 -7.82 -19.59
C ARG A 124 -2.92 -6.83 -20.76
N LYS A 125 -3.89 -5.95 -21.00
CA LYS A 125 -3.81 -4.95 -22.07
C LYS A 125 -2.68 -3.96 -21.81
N VAL A 126 -2.43 -3.65 -20.54
CA VAL A 126 -1.38 -2.72 -20.16
C VAL A 126 -0.03 -3.37 -20.45
N LEU A 127 0.12 -4.63 -20.05
CA LEU A 127 1.38 -5.32 -20.28
C LEU A 127 1.66 -5.51 -21.76
N PHE A 128 0.61 -5.51 -22.57
CA PHE A 128 0.76 -5.68 -24.01
C PHE A 128 1.39 -4.46 -24.68
N VAL A 129 1.23 -3.28 -24.10
CA VAL A 129 1.79 -2.06 -24.71
C VAL A 129 3.00 -1.49 -23.97
N ARG A 130 2.97 -1.56 -22.64
CA ARG A 130 4.05 -1.00 -21.83
C ARG A 130 5.45 -1.29 -22.37
N TYR A 131 5.66 -2.50 -22.86
CA TYR A 131 6.98 -2.87 -23.35
C TYR A 131 7.06 -3.21 -24.82
N ALA A 132 6.09 -2.79 -25.62
CA ALA A 132 6.11 -3.14 -27.05
C ALA A 132 6.82 -2.15 -27.97
N VAL A 133 7.41 -2.69 -29.04
CA VAL A 133 8.11 -1.91 -30.05
C VAL A 133 7.30 -2.05 -31.33
N GLY A 134 6.17 -2.74 -31.23
CA GLY A 134 5.30 -2.95 -32.40
C GLY A 134 4.09 -3.84 -32.10
N PHE A 135 3.11 -3.83 -32.99
CA PHE A 135 1.89 -4.62 -32.86
C PHE A 135 1.49 -5.23 -34.19
N VAL A 136 1.22 -6.53 -34.21
CA VAL A 136 0.81 -7.23 -35.41
C VAL A 136 -0.57 -7.87 -35.18
N PHE A 137 -1.54 -7.52 -36.01
CA PHE A 137 -2.87 -8.11 -35.87
C PHE A 137 -3.21 -9.07 -37.01
N LEU A 138 -3.33 -10.36 -36.67
CA LEU A 138 -3.67 -11.38 -37.66
C LEU A 138 -5.18 -11.61 -37.61
N PRO A 139 -5.77 -12.25 -38.64
CA PRO A 139 -7.22 -12.47 -38.56
C PRO A 139 -7.57 -12.99 -37.17
N GLY A 140 -8.63 -12.43 -36.60
CA GLY A 140 -9.11 -12.80 -35.28
C GLY A 140 -10.57 -12.37 -35.15
N GLY A 141 -11.09 -12.41 -33.92
CA GLY A 141 -12.48 -12.04 -33.67
C GLY A 141 -12.61 -10.88 -32.70
N PHE A 142 -13.50 -10.99 -31.72
CA PHE A 142 -13.71 -9.91 -30.76
C PHE A 142 -12.49 -9.52 -29.96
N GLY A 143 -11.72 -10.53 -29.55
CA GLY A 143 -10.53 -10.29 -28.75
C GLY A 143 -9.50 -9.46 -29.50
N THR A 144 -9.31 -9.77 -30.77
CA THR A 144 -8.33 -9.06 -31.57
C THR A 144 -8.77 -7.63 -31.88
N LEU A 145 -10.06 -7.47 -32.20
CA LEU A 145 -10.60 -6.15 -32.53
C LEU A 145 -10.42 -5.22 -31.33
N ASP A 146 -10.72 -5.74 -30.16
CA ASP A 146 -10.58 -5.01 -28.90
C ASP A 146 -9.12 -4.52 -28.69
N GLU A 147 -8.15 -5.37 -28.98
CA GLU A 147 -6.74 -4.94 -28.82
C GLU A 147 -6.40 -3.90 -29.88
N LEU A 148 -6.88 -4.09 -31.10
CA LEU A 148 -6.60 -3.17 -32.20
C LEU A 148 -7.17 -1.78 -31.93
N SER A 149 -8.45 -1.73 -31.58
CA SER A 149 -9.10 -0.44 -31.35
C SER A 149 -8.46 0.27 -30.16
N GLU A 150 -8.01 -0.48 -29.15
CA GLU A 150 -7.38 0.17 -28.02
C GLU A 150 -6.07 0.85 -28.40
N VAL A 151 -5.19 0.13 -29.08
CA VAL A 151 -3.89 0.69 -29.48
C VAL A 151 -4.07 1.87 -30.44
N LEU A 152 -5.05 1.80 -31.33
CA LEU A 152 -5.28 2.89 -32.27
C LEU A 152 -5.60 4.17 -31.51
N VAL A 153 -6.44 4.04 -30.48
CA VAL A 153 -6.81 5.18 -29.63
C VAL A 153 -5.59 5.77 -28.95
N LEU A 154 -4.77 4.90 -28.37
CA LEU A 154 -3.55 5.29 -27.67
C LEU A 154 -2.59 6.03 -28.60
N LEU A 155 -2.55 5.60 -29.86
CA LEU A 155 -1.69 6.24 -30.84
C LEU A 155 -2.30 7.55 -31.33
N GLN A 156 -3.58 7.51 -31.70
CA GLN A 156 -4.26 8.71 -32.20
C GLN A 156 -4.17 9.90 -31.22
N THR A 157 -4.39 9.64 -29.94
CA THR A 157 -4.36 10.68 -28.91
C THR A 157 -2.95 10.86 -28.36
N GLU A 158 -2.01 10.07 -28.84
CA GLU A 158 -0.61 10.16 -28.44
C GLU A 158 -0.24 9.86 -26.97
N LYS A 159 -0.95 8.93 -26.33
CA LYS A 159 -0.64 8.56 -24.96
C LYS A 159 0.56 7.60 -24.92
N VAL A 160 0.92 7.02 -26.07
CA VAL A 160 2.06 6.12 -26.10
C VAL A 160 2.80 6.37 -27.41
N HIS A 161 4.07 5.98 -27.46
CA HIS A 161 4.84 6.20 -28.68
C HIS A 161 4.23 5.53 -29.88
N ARG A 162 4.35 6.20 -31.03
CA ARG A 162 3.78 5.70 -32.28
C ARG A 162 4.52 4.52 -32.91
N PHE A 163 4.61 3.41 -32.19
CA PHE A 163 5.30 2.24 -32.73
C PHE A 163 4.51 1.68 -33.92
N PRO A 164 5.14 0.86 -34.76
CA PRO A 164 4.44 0.31 -35.92
C PRO A 164 3.23 -0.58 -35.59
N VAL A 165 2.16 -0.44 -36.38
CA VAL A 165 0.96 -1.27 -36.22
C VAL A 165 0.68 -1.90 -37.58
N PHE A 166 0.61 -3.24 -37.62
CA PHE A 166 0.33 -3.92 -38.87
C PHE A 166 -0.90 -4.83 -38.79
N LEU A 167 -1.61 -4.95 -39.90
CA LEU A 167 -2.77 -5.83 -39.99
C LEU A 167 -2.41 -6.80 -41.09
N LEU A 168 -2.27 -8.07 -40.75
CA LEU A 168 -1.94 -9.07 -41.75
C LEU A 168 -3.19 -9.69 -42.36
N ASP A 169 -3.15 -9.80 -43.70
CA ASP A 169 -4.21 -10.37 -44.51
C ASP A 169 -5.24 -9.31 -44.90
N ARG A 170 -4.94 -8.60 -45.99
CA ARG A 170 -5.77 -7.52 -46.53
C ARG A 170 -7.25 -7.80 -46.69
N GLY A 171 -7.56 -8.90 -47.39
CA GLY A 171 -8.95 -9.26 -47.63
C GLY A 171 -9.76 -9.50 -46.36
N TYR A 172 -9.09 -9.89 -45.30
CA TYR A 172 -9.77 -10.16 -44.04
C TYR A 172 -10.19 -8.87 -43.34
N TRP A 173 -9.32 -7.87 -43.33
CA TRP A 173 -9.61 -6.60 -42.67
C TRP A 173 -10.36 -5.59 -43.52
N GLU A 174 -10.48 -5.87 -44.81
CA GLU A 174 -11.13 -5.00 -45.77
C GLU A 174 -12.40 -4.33 -45.24
N GLY A 175 -13.34 -5.13 -44.75
CA GLY A 175 -14.56 -4.55 -44.23
C GLY A 175 -14.31 -3.52 -43.12
N LEU A 176 -13.49 -3.84 -42.14
CA LEU A 176 -13.21 -2.90 -41.07
C LEU A 176 -12.55 -1.60 -41.58
N VAL A 177 -11.51 -1.75 -42.40
CA VAL A 177 -10.82 -0.58 -42.93
C VAL A 177 -11.76 0.29 -43.76
N ARG A 178 -12.63 -0.31 -44.56
CA ARG A 178 -13.57 0.50 -45.33
C ARG A 178 -14.51 1.25 -44.37
N TRP A 179 -15.01 0.59 -43.33
CA TRP A 179 -15.89 1.27 -42.38
C TRP A 179 -15.15 2.41 -41.70
N LEU A 180 -13.85 2.22 -41.49
CA LEU A 180 -13.04 3.24 -40.85
C LEU A 180 -12.89 4.43 -41.80
N ALA A 181 -12.79 4.13 -43.09
CA ALA A 181 -12.66 5.16 -44.11
C ALA A 181 -13.95 5.98 -44.14
N PHE A 182 -15.07 5.34 -43.81
CA PHE A 182 -16.38 5.96 -43.75
C PHE A 182 -16.40 6.88 -42.50
N LEU A 183 -15.78 6.41 -41.42
CA LEU A 183 -15.72 7.22 -40.22
C LEU A 183 -14.92 8.47 -40.58
N ARG A 184 -14.05 8.34 -41.58
CA ARG A 184 -13.27 9.49 -42.01
C ARG A 184 -14.13 10.43 -42.86
N ASP A 185 -14.90 9.89 -43.80
CA ASP A 185 -15.75 10.74 -44.62
C ASP A 185 -16.69 11.57 -43.71
N GLN A 186 -17.03 10.98 -42.57
CA GLN A 186 -17.92 11.58 -41.56
C GLN A 186 -17.18 12.55 -40.64
N LYS A 187 -15.85 12.54 -40.72
CA LYS A 187 -15.02 13.42 -39.91
C LYS A 187 -15.04 13.04 -38.42
N ALA A 188 -15.30 11.77 -38.13
CA ALA A 188 -15.32 11.27 -36.76
C ALA A 188 -13.88 10.88 -36.41
N VAL A 189 -13.02 10.88 -37.42
CA VAL A 189 -11.61 10.53 -37.25
C VAL A 189 -10.78 11.53 -38.07
N GLY A 190 -9.57 11.81 -37.61
CA GLY A 190 -8.71 12.75 -38.31
C GLY A 190 -8.34 12.35 -39.72
N PRO A 191 -7.88 13.31 -40.53
CA PRO A 191 -7.49 13.08 -41.92
C PRO A 191 -6.41 12.03 -42.12
N GLU A 192 -5.45 12.00 -41.21
CA GLU A 192 -4.33 11.05 -41.30
C GLU A 192 -4.45 9.86 -40.35
N ASP A 193 -5.54 9.74 -39.61
CA ASP A 193 -5.65 8.64 -38.65
C ASP A 193 -5.58 7.23 -39.21
N LEU A 194 -5.89 7.04 -40.48
CA LEU A 194 -5.80 5.70 -41.03
C LEU A 194 -4.37 5.30 -41.31
N GLN A 195 -3.43 6.23 -41.19
CA GLN A 195 -2.04 5.93 -41.41
C GLN A 195 -1.35 5.40 -40.14
N LEU A 196 -2.10 5.30 -39.04
CA LEU A 196 -1.57 4.77 -37.80
C LEU A 196 -1.26 3.29 -37.96
N PHE A 197 -1.90 2.65 -38.94
CA PHE A 197 -1.66 1.23 -39.18
C PHE A 197 -1.36 0.94 -40.64
N ARG A 198 -0.74 -0.20 -40.90
CA ARG A 198 -0.40 -0.62 -42.25
C ARG A 198 -1.02 -1.97 -42.52
N LEU A 199 -1.67 -2.10 -43.68
CA LEU A 199 -2.31 -3.35 -44.04
C LEU A 199 -1.39 -4.11 -44.98
N THR A 200 -1.11 -5.37 -44.69
CA THR A 200 -0.21 -6.13 -45.55
C THR A 200 -0.47 -7.63 -45.57
N ASP A 201 -0.05 -8.29 -46.65
CA ASP A 201 -0.22 -9.73 -46.79
C ASP A 201 1.10 -10.47 -46.54
N GLU A 202 2.20 -9.72 -46.46
CA GLU A 202 3.52 -10.33 -46.29
C GLU A 202 4.16 -10.22 -44.90
N PRO A 203 4.38 -11.37 -44.25
CA PRO A 203 4.99 -11.33 -42.92
C PRO A 203 6.38 -10.68 -42.99
N GLU A 204 7.06 -10.88 -44.12
CA GLU A 204 8.40 -10.35 -44.33
C GLU A 204 8.42 -8.84 -44.26
N GLU A 205 7.34 -8.21 -44.74
CA GLU A 205 7.26 -6.77 -44.73
C GLU A 205 7.15 -6.26 -43.30
N VAL A 206 6.43 -7.02 -42.47
CA VAL A 206 6.27 -6.66 -41.07
C VAL A 206 7.60 -6.77 -40.34
N VAL A 207 8.27 -7.90 -40.48
CA VAL A 207 9.55 -8.10 -39.81
C VAL A 207 10.57 -7.06 -40.27
N GLN A 208 10.58 -6.77 -41.57
CA GLN A 208 11.52 -5.79 -42.12
C GLN A 208 11.32 -4.40 -41.51
N ALA A 209 10.05 -3.99 -41.38
CA ALA A 209 9.72 -2.70 -40.81
C ALA A 209 10.16 -2.62 -39.35
N LEU A 210 9.96 -3.71 -38.62
CA LEU A 210 10.35 -3.75 -37.22
C LEU A 210 11.87 -3.77 -37.06
N LYS A 211 12.57 -4.41 -37.99
CA LYS A 211 14.03 -4.44 -37.91
C LYS A 211 14.56 -3.03 -38.17
N ALA A 212 13.96 -2.38 -39.17
CA ALA A 212 14.36 -1.03 -39.53
C ALA A 212 13.92 -0.05 -38.46
N LEU B 6 20.24 -2.99 -6.95
CA LEU B 6 18.86 -3.20 -7.46
C LEU B 6 18.20 -1.88 -7.88
N ILE B 7 18.77 -0.76 -7.46
CA ILE B 7 18.22 0.56 -7.79
C ILE B 7 17.84 0.68 -9.26
N ASP B 8 18.63 0.05 -10.14
CA ASP B 8 18.36 0.10 -11.57
C ASP B 8 17.12 -0.69 -11.98
N GLN B 9 16.97 -1.90 -11.42
CA GLN B 9 15.83 -2.76 -11.74
C GLN B 9 14.46 -2.14 -11.43
N LEU B 10 14.16 -1.96 -10.14
CA LEU B 10 12.88 -1.40 -9.73
C LEU B 10 12.61 -0.03 -10.37
N HIS B 11 13.66 0.56 -10.94
CA HIS B 11 13.54 1.84 -11.61
C HIS B 11 12.88 1.60 -12.98
N HIS B 12 13.50 0.74 -13.77
CA HIS B 12 13.01 0.36 -15.10
C HIS B 12 11.65 -0.30 -14.95
N GLU B 13 11.30 -0.59 -13.69
CA GLU B 13 10.03 -1.21 -13.34
C GLU B 13 8.94 -0.14 -13.24
N ASP B 14 9.37 1.11 -13.07
CA ASP B 14 8.48 2.29 -12.96
C ASP B 14 7.22 2.10 -12.14
N SER B 15 7.31 1.27 -11.10
CA SER B 15 6.15 0.99 -10.26
C SER B 15 5.56 2.22 -9.58
N TRP B 16 6.36 3.26 -9.37
CA TRP B 16 5.88 4.49 -8.71
C TRP B 16 4.69 5.08 -9.42
N ARG B 17 4.50 4.68 -10.68
CA ARG B 17 3.40 5.16 -11.50
C ARG B 17 2.08 4.63 -10.96
N LEU B 18 2.18 3.61 -10.10
CA LEU B 18 1.00 2.98 -9.51
C LEU B 18 0.33 3.78 -8.41
N PHE B 19 1.04 4.74 -7.82
CA PHE B 19 0.42 5.54 -6.76
C PHE B 19 -0.79 6.27 -7.35
N ARG B 20 -0.59 6.93 -8.49
CA ARG B 20 -1.68 7.68 -9.12
C ARG B 20 -2.74 6.76 -9.69
N ILE B 21 -2.31 5.66 -10.31
CA ILE B 21 -3.26 4.71 -10.88
C ILE B 21 -4.16 4.23 -9.73
N LEU B 22 -3.55 3.98 -8.59
CA LEU B 22 -4.26 3.51 -7.42
C LEU B 22 -5.16 4.61 -6.87
N ALA B 23 -4.66 5.84 -6.84
CA ALA B 23 -5.47 6.97 -6.37
C ALA B 23 -6.69 7.12 -7.27
N GLU B 24 -6.51 6.91 -8.57
CA GLU B 24 -7.63 7.05 -9.49
C GLU B 24 -8.71 5.97 -9.30
N PHE B 25 -8.30 4.72 -9.04
CA PHE B 25 -9.27 3.64 -8.84
C PHE B 25 -10.09 3.93 -7.59
N VAL B 26 -9.38 4.16 -6.50
CA VAL B 26 -9.99 4.45 -5.22
C VAL B 26 -11.02 5.57 -5.29
N GLU B 27 -10.63 6.74 -5.80
CA GLU B 27 -11.57 7.84 -5.90
C GLU B 27 -12.77 7.44 -6.74
N GLY B 28 -12.48 6.77 -7.86
CA GLY B 28 -13.53 6.30 -8.74
C GLY B 28 -14.51 5.38 -8.05
N PHE B 29 -14.00 4.38 -7.33
CA PHE B 29 -14.89 3.46 -6.63
C PHE B 29 -15.66 4.27 -5.60
N GLU B 30 -14.94 5.08 -4.84
CA GLU B 30 -15.60 5.91 -3.83
C GLU B 30 -16.78 6.66 -4.41
N THR B 31 -16.51 7.48 -5.42
CA THR B 31 -17.54 8.29 -6.06
C THR B 31 -18.70 7.54 -6.74
N LEU B 32 -18.39 6.60 -7.60
CA LEU B 32 -19.44 5.88 -8.30
C LEU B 32 -20.27 4.94 -7.43
N SER B 33 -19.62 4.25 -6.50
CA SER B 33 -20.32 3.29 -5.65
C SER B 33 -21.35 3.95 -4.70
N GLU B 34 -21.18 5.22 -4.39
CA GLU B 34 -22.12 5.88 -3.48
C GLU B 34 -23.31 6.54 -4.19
N LEU B 35 -23.33 6.48 -5.52
CA LEU B 35 -24.45 7.06 -6.26
C LEU B 35 -25.66 6.18 -5.99
N GLN B 36 -26.83 6.79 -5.96
CA GLN B 36 -28.08 6.08 -5.65
C GLN B 36 -28.93 5.65 -6.82
N VAL B 37 -28.62 6.13 -8.02
CA VAL B 37 -29.41 5.74 -9.18
C VAL B 37 -28.63 4.78 -10.04
N PRO B 38 -29.33 3.98 -10.87
CA PRO B 38 -28.63 3.03 -11.74
C PRO B 38 -27.86 3.85 -12.77
N LEU B 39 -26.64 3.41 -13.09
CA LEU B 39 -25.82 4.12 -14.05
C LEU B 39 -25.78 3.49 -15.44
N VAL B 40 -25.97 4.33 -16.45
CA VAL B 40 -25.94 3.89 -17.84
C VAL B 40 -24.73 4.56 -18.50
N SER B 41 -23.76 3.78 -18.95
CA SER B 41 -22.59 4.35 -19.61
C SER B 41 -22.93 4.69 -21.05
N VAL B 42 -22.60 5.91 -21.46
CA VAL B 42 -22.91 6.37 -22.81
C VAL B 42 -21.66 6.87 -23.53
N PHE B 43 -21.59 6.56 -24.83
CA PHE B 43 -20.44 6.93 -25.64
C PHE B 43 -20.83 7.55 -26.97
N GLY B 44 -19.93 8.36 -27.54
CA GLY B 44 -20.19 9.00 -28.81
C GLY B 44 -19.02 9.85 -29.26
N SER B 45 -19.12 10.41 -30.45
CA SER B 45 -18.06 11.26 -31.00
C SER B 45 -17.76 12.52 -30.22
N ALA B 46 -16.48 12.80 -30.01
CA ALA B 46 -16.11 14.00 -29.32
C ALA B 46 -16.20 15.16 -30.29
N ARG B 47 -16.35 14.84 -31.59
CA ARG B 47 -16.38 15.83 -32.66
C ARG B 47 -17.74 16.27 -33.25
N PHE B 48 -18.81 15.55 -32.97
CA PHE B 48 -20.11 15.95 -33.50
C PHE B 48 -20.80 16.94 -32.53
N GLY B 49 -20.72 18.22 -32.87
CA GLY B 49 -21.31 19.26 -32.04
C GLY B 49 -22.77 19.61 -32.30
N GLU B 50 -23.21 20.75 -31.75
CA GLU B 50 -24.60 21.19 -31.89
C GLU B 50 -25.11 21.18 -33.32
N GLY B 51 -26.26 20.58 -33.51
CA GLY B 51 -26.84 20.50 -34.84
C GLY B 51 -26.71 19.12 -35.42
N HIS B 52 -25.54 18.52 -35.26
CA HIS B 52 -25.26 17.17 -35.78
C HIS B 52 -26.28 16.20 -35.22
N PRO B 53 -26.83 15.34 -36.09
CA PRO B 53 -27.84 14.34 -35.70
C PRO B 53 -27.44 13.55 -34.46
N ALA B 54 -26.17 13.20 -34.37
CA ALA B 54 -25.67 12.42 -33.24
C ALA B 54 -25.73 13.25 -31.94
N TYR B 55 -25.45 14.53 -32.07
CA TYR B 55 -25.50 15.42 -30.92
C TYR B 55 -26.96 15.52 -30.44
N GLU B 56 -27.87 15.86 -31.35
CA GLU B 56 -29.28 15.98 -30.99
C GLU B 56 -29.81 14.70 -30.38
N ALA B 57 -29.43 13.56 -30.95
CA ALA B 57 -29.90 12.28 -30.42
C ALA B 57 -29.30 12.06 -29.03
N GLY B 58 -28.06 12.53 -28.86
CA GLY B 58 -27.38 12.39 -27.59
C GLY B 58 -28.08 13.15 -26.50
N TYR B 59 -28.39 14.41 -26.78
CA TYR B 59 -29.09 15.26 -25.83
C TYR B 59 -30.43 14.64 -25.45
N ARG B 60 -31.16 14.14 -26.45
CA ARG B 60 -32.46 13.53 -26.21
C ARG B 60 -32.31 12.27 -25.37
N LEU B 61 -31.20 11.56 -25.56
CA LEU B 61 -30.93 10.32 -24.83
C LEU B 61 -30.68 10.66 -23.37
N GLY B 62 -29.82 11.65 -23.16
CA GLY B 62 -29.52 12.07 -21.81
C GLY B 62 -30.81 12.46 -21.10
N ARG B 63 -31.54 13.41 -21.66
CA ARG B 63 -32.78 13.88 -21.09
C ARG B 63 -33.68 12.72 -20.67
N ALA B 64 -34.00 11.85 -21.62
CA ALA B 64 -34.87 10.70 -21.37
C ALA B 64 -34.39 9.75 -20.27
N LEU B 65 -33.07 9.56 -20.17
CA LEU B 65 -32.47 8.68 -19.18
C LEU B 65 -32.63 9.23 -17.76
N ALA B 66 -32.46 10.54 -17.61
CA ALA B 66 -32.59 11.19 -16.31
C ALA B 66 -34.04 11.20 -15.85
N GLU B 67 -34.95 11.42 -16.79
CA GLU B 67 -36.37 11.46 -16.49
C GLU B 67 -36.94 10.07 -16.27
N ALA B 68 -36.09 9.06 -16.42
CA ALA B 68 -36.50 7.68 -16.22
C ALA B 68 -35.87 7.14 -14.94
N GLY B 69 -35.03 7.94 -14.31
CA GLY B 69 -34.40 7.54 -13.07
C GLY B 69 -32.95 7.11 -13.18
N PHE B 70 -32.42 7.05 -14.39
CA PHE B 70 -31.03 6.64 -14.58
C PHE B 70 -30.09 7.83 -14.50
N GLY B 71 -28.84 7.54 -14.16
CA GLY B 71 -27.81 8.54 -14.14
C GLY B 71 -26.98 8.20 -15.37
N VAL B 72 -26.28 9.16 -15.94
CA VAL B 72 -25.45 8.88 -17.12
C VAL B 72 -23.97 9.05 -16.82
N VAL B 73 -23.14 8.21 -17.42
CA VAL B 73 -21.68 8.26 -17.24
C VAL B 73 -21.08 8.37 -18.63
N THR B 74 -20.37 9.47 -18.88
CA THR B 74 -19.74 9.71 -20.19
C THR B 74 -18.25 10.02 -19.97
N GLY B 75 -17.53 10.25 -21.06
CA GLY B 75 -16.12 10.59 -20.93
C GLY B 75 -16.01 12.06 -20.52
N GLY B 76 -17.16 12.70 -20.37
CA GLY B 76 -17.19 14.11 -19.98
C GLY B 76 -16.48 15.05 -20.94
N GLY B 77 -16.35 14.65 -22.20
CA GLY B 77 -15.71 15.48 -23.19
C GLY B 77 -16.71 16.21 -24.06
N PRO B 78 -16.27 16.81 -25.18
CA PRO B 78 -17.20 17.53 -26.07
C PRO B 78 -18.08 16.60 -26.87
N GLY B 79 -18.63 17.12 -27.96
CA GLY B 79 -19.47 16.30 -28.83
C GLY B 79 -20.72 15.70 -28.26
N VAL B 80 -21.00 14.45 -28.64
CA VAL B 80 -22.22 13.83 -28.15
C VAL B 80 -22.10 13.50 -26.68
N GLU B 82 -20.81 15.59 -24.45
CA GLU B 82 -21.29 16.82 -23.87
C GLU B 82 -22.81 16.91 -23.98
N ALA B 83 -23.35 16.54 -25.16
CA ALA B 83 -24.79 16.57 -25.42
C ALA B 83 -25.56 15.67 -24.45
N VAL B 84 -24.99 14.50 -24.19
CA VAL B 84 -25.61 13.54 -23.29
C VAL B 84 -25.56 14.03 -21.84
N ASN B 85 -24.43 14.62 -21.45
CA ASN B 85 -24.28 15.13 -20.10
C ASN B 85 -25.25 16.30 -19.95
N ARG B 86 -25.31 17.13 -20.99
CA ARG B 86 -26.20 18.28 -20.97
C ARG B 86 -27.66 17.85 -20.88
N GLY B 87 -28.05 16.89 -21.70
CA GLY B 87 -29.43 16.44 -21.67
C GLY B 87 -29.89 15.97 -20.31
N ALA B 88 -29.02 15.23 -19.60
CA ALA B 88 -29.37 14.71 -18.30
C ALA B 88 -29.21 15.80 -17.24
N TYR B 89 -28.21 16.65 -17.42
CA TYR B 89 -27.94 17.72 -16.47
C TYR B 89 -29.14 18.66 -16.35
N GLU B 90 -29.55 19.25 -17.47
CA GLU B 90 -30.65 20.19 -17.49
C GLU B 90 -31.96 19.54 -17.06
N ALA B 91 -32.03 18.21 -17.18
CA ALA B 91 -33.23 17.51 -16.77
C ALA B 91 -33.12 17.23 -15.28
N GLY B 92 -31.98 17.58 -14.71
CA GLY B 92 -31.76 17.40 -13.27
C GLY B 92 -31.31 16.03 -12.81
N GLY B 93 -30.95 15.15 -13.74
CA GLY B 93 -30.53 13.82 -13.35
C GLY B 93 -29.06 13.81 -13.00
N VAL B 94 -28.57 12.65 -12.56
CA VAL B 94 -27.16 12.49 -12.22
C VAL B 94 -26.36 12.40 -13.53
N SER B 95 -25.31 13.20 -13.63
CA SER B 95 -24.48 13.25 -14.83
C SER B 95 -23.00 13.18 -14.45
N VAL B 96 -22.39 12.03 -14.72
CA VAL B 96 -20.99 11.81 -14.41
C VAL B 96 -20.09 11.97 -15.63
N GLY B 97 -18.92 12.52 -15.40
CA GLY B 97 -17.95 12.69 -16.47
C GLY B 97 -16.65 12.06 -16.02
N LEU B 98 -16.11 11.15 -16.84
CA LEU B 98 -14.85 10.47 -16.53
C LEU B 98 -13.84 11.04 -17.49
N ASN B 99 -13.36 12.23 -17.15
CA ASN B 99 -12.42 12.97 -17.98
C ASN B 99 -11.02 12.40 -18.08
N ILE B 100 -10.57 12.25 -19.32
CA ILE B 100 -9.25 11.70 -19.58
C ILE B 100 -8.32 12.86 -19.91
N GLU B 101 -7.10 12.80 -19.38
CA GLU B 101 -6.11 13.84 -19.63
C GLU B 101 -5.34 13.45 -20.87
N LEU B 102 -5.40 14.30 -21.89
CA LEU B 102 -4.70 14.04 -23.14
C LEU B 102 -3.65 15.11 -23.40
N PRO B 103 -2.67 14.80 -24.25
CA PRO B 103 -1.62 15.76 -24.60
C PRO B 103 -2.27 16.94 -25.31
N HIS B 104 -3.32 16.66 -26.07
CA HIS B 104 -4.05 17.70 -26.79
C HIS B 104 -5.43 17.79 -26.17
N GLU B 105 -5.45 18.32 -24.95
CA GLU B 105 -6.66 18.48 -24.17
C GLU B 105 -7.81 19.20 -24.84
N GLN B 106 -8.80 19.45 -24.01
CA GLN B 106 -10.02 20.17 -24.35
C GLN B 106 -10.73 20.19 -23.02
N LYS B 107 -11.18 21.36 -22.61
CA LYS B 107 -11.86 21.47 -21.33
C LYS B 107 -13.05 20.52 -21.22
N PRO B 108 -13.35 20.09 -19.99
CA PRO B 108 -14.47 19.17 -19.72
C PRO B 108 -15.78 19.92 -19.98
N ASN B 109 -16.80 19.25 -20.50
CA ASN B 109 -18.05 19.93 -20.72
C ASN B 109 -18.53 20.39 -19.35
N PRO B 110 -19.33 21.46 -19.28
CA PRO B 110 -19.86 22.01 -18.02
C PRO B 110 -21.17 21.40 -17.55
N TYR B 111 -21.40 20.12 -17.84
CA TYR B 111 -22.66 19.52 -17.44
C TYR B 111 -22.51 18.25 -16.61
N GLN B 112 -21.51 18.24 -15.74
CA GLN B 112 -21.23 17.08 -14.90
C GLN B 112 -21.57 17.29 -13.43
N THR B 113 -22.44 16.44 -12.91
CA THR B 113 -22.82 16.51 -11.51
C THR B 113 -21.60 16.10 -10.72
N HIS B 114 -20.91 15.06 -11.20
CA HIS B 114 -19.69 14.57 -10.58
C HIS B 114 -18.66 14.50 -11.69
N ALA B 115 -17.49 15.07 -11.45
CA ALA B 115 -16.46 15.06 -12.47
C ALA B 115 -15.21 14.41 -11.94
N LEU B 116 -14.76 13.39 -12.64
CA LEU B 116 -13.55 12.69 -12.27
C LEU B 116 -12.54 12.95 -13.36
N SER B 117 -11.30 13.17 -12.94
CA SER B 117 -10.22 13.45 -13.88
C SER B 117 -9.21 12.30 -13.81
N LEU B 118 -9.10 11.54 -14.91
CA LEU B 118 -8.19 10.40 -14.98
C LEU B 118 -7.07 10.62 -15.97
N ARG B 119 -5.94 10.01 -15.68
CA ARG B 119 -4.77 10.11 -16.53
C ARG B 119 -4.70 8.86 -17.41
N TYR B 120 -5.30 7.76 -16.94
CA TYR B 120 -5.26 6.51 -17.69
C TYR B 120 -6.58 6.02 -18.26
N PHE B 121 -6.55 5.67 -19.54
CA PHE B 121 -7.73 5.16 -20.23
C PHE B 121 -8.25 3.89 -19.56
N PHE B 122 -7.35 2.98 -19.19
CA PHE B 122 -7.76 1.71 -18.61
C PHE B 122 -8.51 1.89 -17.29
N VAL B 123 -8.14 2.87 -16.50
CA VAL B 123 -8.87 3.10 -15.25
C VAL B 123 -10.25 3.62 -15.65
N ARG B 124 -10.26 4.57 -16.58
CA ARG B 124 -11.50 5.13 -17.08
C ARG B 124 -12.40 4.02 -17.66
N LYS B 125 -11.79 3.02 -18.29
CA LYS B 125 -12.51 1.91 -18.88
C LYS B 125 -13.16 1.00 -17.83
N VAL B 126 -12.41 0.69 -16.77
CA VAL B 126 -12.95 -0.14 -15.70
C VAL B 126 -14.11 0.60 -15.03
N LEU B 127 -13.95 1.91 -14.82
CA LEU B 127 -15.00 2.70 -14.18
C LEU B 127 -16.25 2.79 -15.04
N PHE B 128 -16.12 2.65 -16.36
CA PHE B 128 -17.26 2.71 -17.26
C PHE B 128 -18.08 1.43 -17.15
N VAL B 129 -17.43 0.36 -16.75
CA VAL B 129 -18.07 -0.95 -16.64
C VAL B 129 -18.48 -1.39 -15.23
N ARG B 130 -17.60 -1.18 -14.26
CA ARG B 130 -17.84 -1.62 -12.89
C ARG B 130 -19.26 -1.44 -12.35
N TYR B 131 -19.88 -0.30 -12.59
CA TYR B 131 -21.21 -0.02 -12.07
C TYR B 131 -22.29 0.24 -13.13
N ALA B 132 -22.15 -0.32 -14.32
CA ALA B 132 -23.15 -0.06 -15.35
C ALA B 132 -24.27 -1.08 -15.45
N VAL B 133 -25.47 -0.58 -15.66
CA VAL B 133 -26.62 -1.47 -15.85
C VAL B 133 -26.89 -1.53 -17.35
N GLY B 134 -25.99 -0.95 -18.14
CA GLY B 134 -26.16 -0.95 -19.58
C GLY B 134 -25.22 0.03 -20.26
N PHE B 135 -25.05 -0.11 -21.57
CA PHE B 135 -24.15 0.75 -22.33
C PHE B 135 -24.82 1.21 -23.63
N VAL B 136 -24.66 2.48 -23.97
CA VAL B 136 -25.26 2.96 -25.21
C VAL B 136 -24.22 3.67 -26.07
N PHE B 137 -24.12 3.25 -27.33
CA PHE B 137 -23.15 3.85 -28.25
C PHE B 137 -23.78 4.65 -29.37
N LEU B 138 -23.46 5.93 -29.40
CA LEU B 138 -23.96 6.81 -30.44
C LEU B 138 -22.84 6.86 -31.48
N PRO B 139 -23.10 7.38 -32.68
CA PRO B 139 -22.07 7.44 -33.71
C PRO B 139 -20.77 8.08 -33.18
N GLY B 140 -19.63 7.44 -33.42
CA GLY B 140 -18.37 7.97 -32.94
C GLY B 140 -17.16 7.61 -33.81
N GLY B 141 -15.97 7.64 -33.19
CA GLY B 141 -14.73 7.32 -33.90
C GLY B 141 -13.85 6.27 -33.22
N PHE B 142 -12.54 6.49 -33.21
CA PHE B 142 -11.65 5.47 -32.60
C PHE B 142 -12.00 5.16 -31.14
N GLY B 143 -12.19 6.21 -30.34
CA GLY B 143 -12.52 6.04 -28.94
C GLY B 143 -13.80 5.26 -28.70
N THR B 144 -14.84 5.53 -29.50
CA THR B 144 -16.13 4.85 -29.33
C THR B 144 -16.04 3.37 -29.71
N LEU B 145 -15.31 3.09 -30.77
CA LEU B 145 -15.12 1.73 -31.21
C LEU B 145 -14.29 1.00 -30.15
N ASP B 146 -13.37 1.75 -29.55
CA ASP B 146 -12.50 1.20 -28.51
C ASP B 146 -13.36 0.68 -27.38
N GLU B 147 -14.23 1.54 -26.88
CA GLU B 147 -15.12 1.16 -25.80
C GLU B 147 -16.05 0.01 -26.19
N LEU B 148 -16.62 0.08 -27.38
CA LEU B 148 -17.52 -0.97 -27.84
C LEU B 148 -16.85 -2.35 -27.87
N SER B 149 -15.74 -2.45 -28.59
CA SER B 149 -15.05 -3.72 -28.72
C SER B 149 -14.72 -4.26 -27.36
N GLU B 150 -14.40 -3.35 -26.44
CA GLU B 150 -14.06 -3.78 -25.10
C GLU B 150 -15.25 -4.41 -24.39
N VAL B 151 -16.40 -3.74 -24.41
CA VAL B 151 -17.57 -4.30 -23.75
C VAL B 151 -17.99 -5.62 -24.44
N LEU B 152 -17.89 -5.66 -25.77
CA LEU B 152 -18.27 -6.87 -26.46
C LEU B 152 -17.46 -8.04 -25.92
N VAL B 153 -16.15 -7.88 -25.83
CA VAL B 153 -15.30 -8.95 -25.30
C VAL B 153 -15.71 -9.39 -23.90
N LEU B 154 -15.75 -8.45 -22.97
CA LEU B 154 -16.12 -8.78 -21.60
C LEU B 154 -17.44 -9.56 -21.50
N LEU B 155 -18.42 -9.20 -22.34
CA LEU B 155 -19.71 -9.89 -22.35
C LEU B 155 -19.63 -11.26 -23.00
N GLN B 156 -19.09 -11.30 -24.22
CA GLN B 156 -18.95 -12.56 -24.96
C GLN B 156 -18.20 -13.60 -24.12
N THR B 157 -17.20 -13.14 -23.39
CA THR B 157 -16.36 -14.00 -22.57
C THR B 157 -16.92 -14.20 -21.17
N GLU B 158 -18.00 -13.48 -20.87
CA GLU B 158 -18.65 -13.58 -19.57
C GLU B 158 -17.76 -13.16 -18.40
N LYS B 159 -16.89 -12.19 -18.62
CA LYS B 159 -16.04 -11.71 -17.54
C LYS B 159 -16.85 -10.75 -16.68
N VAL B 160 -17.90 -10.20 -17.29
CA VAL B 160 -18.77 -9.27 -16.58
C VAL B 160 -20.19 -9.73 -16.87
N HIS B 161 -21.08 -9.54 -15.90
CA HIS B 161 -22.46 -9.94 -16.08
C HIS B 161 -23.01 -9.26 -17.31
N ARG B 162 -23.93 -9.94 -17.98
CA ARG B 162 -24.56 -9.41 -19.17
C ARG B 162 -25.31 -8.12 -18.82
N PHE B 163 -25.49 -7.29 -19.83
CA PHE B 163 -26.22 -6.03 -19.70
C PHE B 163 -26.51 -5.63 -21.12
N PRO B 164 -27.56 -4.86 -21.33
CA PRO B 164 -27.97 -4.40 -22.65
C PRO B 164 -26.95 -3.47 -23.30
N VAL B 165 -26.69 -3.69 -24.59
CA VAL B 165 -25.75 -2.85 -25.32
C VAL B 165 -26.52 -2.33 -26.55
N PHE B 166 -26.58 -1.01 -26.70
CA PHE B 166 -27.29 -0.44 -27.83
C PHE B 166 -26.41 0.40 -28.71
N LEU B 167 -26.65 0.32 -30.02
CA LEU B 167 -25.92 1.10 -30.99
C LEU B 167 -26.96 1.97 -31.66
N LEU B 168 -26.84 3.28 -31.52
CA LEU B 168 -27.79 4.20 -32.13
C LEU B 168 -27.37 4.66 -33.53
N ASP B 169 -28.35 4.68 -34.45
CA ASP B 169 -28.16 5.09 -35.84
C ASP B 169 -27.65 3.91 -36.68
N ARG B 170 -28.61 3.12 -37.17
CA ARG B 170 -28.34 1.94 -38.00
C ARG B 170 -27.38 2.17 -39.16
N GLY B 171 -27.63 3.21 -39.94
CA GLY B 171 -26.80 3.49 -41.09
C GLY B 171 -25.35 3.82 -40.79
N TYR B 172 -25.10 4.43 -39.63
CA TYR B 172 -23.74 4.79 -39.27
C TYR B 172 -22.95 3.52 -38.90
N TRP B 173 -23.62 2.60 -38.22
CA TRP B 173 -23.00 1.38 -37.75
C TRP B 173 -23.06 0.21 -38.71
N GLU B 174 -23.85 0.33 -39.77
CA GLU B 174 -23.99 -0.76 -40.73
C GLU B 174 -22.64 -1.36 -41.13
N GLY B 175 -21.70 -0.50 -41.53
CA GLY B 175 -20.39 -0.96 -41.93
C GLY B 175 -19.74 -1.91 -40.93
N LEU B 176 -19.70 -1.55 -39.65
CA LEU B 176 -19.10 -2.40 -38.62
C LEU B 176 -19.87 -3.71 -38.44
N VAL B 177 -21.19 -3.61 -38.29
CA VAL B 177 -22.04 -4.78 -38.11
C VAL B 177 -21.84 -5.84 -39.20
N ARG B 178 -21.75 -5.41 -40.45
CA ARG B 178 -21.55 -6.36 -41.55
C ARG B 178 -20.18 -7.06 -41.49
N TRP B 179 -19.14 -6.31 -41.14
CA TRP B 179 -17.82 -6.92 -41.04
C TRP B 179 -17.87 -7.94 -39.90
N LEU B 180 -18.58 -7.62 -38.84
CA LEU B 180 -18.69 -8.56 -37.73
C LEU B 180 -19.44 -9.81 -38.19
N ALA B 181 -20.35 -9.65 -39.13
CA ALA B 181 -21.10 -10.79 -39.66
C ALA B 181 -20.14 -11.63 -40.50
N PHE B 182 -19.18 -10.96 -41.11
CA PHE B 182 -18.18 -11.63 -41.92
C PHE B 182 -17.33 -12.44 -40.94
N LEU B 183 -17.07 -11.85 -39.77
CA LEU B 183 -16.27 -12.56 -38.77
C LEU B 183 -17.02 -13.84 -38.37
N ARG B 184 -18.34 -13.72 -38.23
CA ARG B 184 -19.18 -14.86 -37.87
C ARG B 184 -19.15 -15.89 -39.02
N ASP B 185 -19.10 -15.43 -40.26
CA ASP B 185 -19.06 -16.34 -41.39
C ASP B 185 -17.75 -17.11 -41.36
N GLN B 186 -16.68 -16.43 -40.96
CA GLN B 186 -15.35 -16.99 -40.85
C GLN B 186 -15.21 -17.84 -39.58
N LYS B 187 -16.27 -17.88 -38.77
CA LYS B 187 -16.24 -18.61 -37.50
C LYS B 187 -15.27 -17.97 -36.49
N ALA B 188 -15.00 -16.68 -36.63
CA ALA B 188 -14.10 -15.99 -35.70
C ALA B 188 -14.85 -15.63 -34.42
N VAL B 189 -16.17 -15.46 -34.52
CA VAL B 189 -17.00 -15.17 -33.36
C VAL B 189 -18.13 -16.20 -33.36
N GLY B 190 -18.67 -16.51 -32.18
CA GLY B 190 -19.72 -17.50 -32.09
C GLY B 190 -20.99 -17.20 -32.87
N PRO B 191 -21.86 -18.20 -33.07
CA PRO B 191 -23.12 -18.06 -33.81
C PRO B 191 -24.10 -17.08 -33.18
N GLU B 192 -24.07 -16.94 -31.86
CA GLU B 192 -24.98 -16.03 -31.16
C GLU B 192 -24.31 -14.76 -30.63
N ASP B 193 -23.02 -14.59 -30.92
CA ASP B 193 -22.29 -13.43 -30.44
C ASP B 193 -22.77 -12.06 -30.94
N LEU B 194 -23.35 -12.00 -32.13
CA LEU B 194 -23.84 -10.74 -32.66
C LEU B 194 -25.12 -10.27 -31.98
N GLN B 195 -25.72 -11.14 -31.18
CA GLN B 195 -26.92 -10.75 -30.48
C GLN B 195 -26.56 -10.07 -29.16
N LEU B 196 -25.27 -9.95 -28.89
CA LEU B 196 -24.77 -9.32 -27.67
C LEU B 196 -25.10 -7.81 -27.68
N PHE B 197 -25.41 -7.27 -28.86
CA PHE B 197 -25.77 -5.84 -28.97
C PHE B 197 -27.04 -5.68 -29.82
N ARG B 198 -27.60 -4.48 -29.82
CA ARG B 198 -28.81 -4.22 -30.58
C ARG B 198 -28.80 -2.86 -31.25
N LEU B 199 -29.28 -2.81 -32.50
CA LEU B 199 -29.35 -1.58 -33.28
C LEU B 199 -30.72 -0.92 -33.20
N THR B 200 -30.73 0.41 -33.17
CA THR B 200 -31.99 1.14 -33.14
C THR B 200 -31.76 2.54 -33.66
N ASP B 201 -32.84 3.22 -34.02
CA ASP B 201 -32.75 4.58 -34.51
C ASP B 201 -33.46 5.52 -33.56
N GLU B 202 -34.04 4.98 -32.51
CA GLU B 202 -34.79 5.80 -31.56
C GLU B 202 -34.27 5.74 -30.11
N PRO B 203 -33.88 6.89 -29.54
CA PRO B 203 -33.38 6.90 -28.17
C PRO B 203 -34.45 6.36 -27.22
N GLU B 204 -35.66 6.84 -27.41
CA GLU B 204 -36.80 6.42 -26.60
C GLU B 204 -36.86 4.90 -26.46
N GLU B 205 -36.62 4.20 -27.55
CA GLU B 205 -36.65 2.74 -27.52
C GLU B 205 -35.57 2.18 -26.61
N VAL B 206 -34.40 2.81 -26.59
CA VAL B 206 -33.29 2.39 -25.74
C VAL B 206 -33.70 2.53 -24.26
N VAL B 207 -34.22 3.70 -23.93
CA VAL B 207 -34.63 3.95 -22.56
C VAL B 207 -35.73 3.01 -22.07
N GLN B 208 -36.67 2.68 -22.95
CA GLN B 208 -37.76 1.78 -22.60
C GLN B 208 -37.18 0.41 -22.26
N ALA B 209 -36.25 -0.04 -23.10
CA ALA B 209 -35.60 -1.33 -22.93
C ALA B 209 -34.81 -1.42 -21.62
N LEU B 210 -34.22 -0.30 -21.20
CA LEU B 210 -33.45 -0.28 -19.96
C LEU B 210 -34.41 -0.24 -18.78
N LYS B 211 -35.51 0.47 -18.98
CA LYS B 211 -36.55 0.64 -17.96
C LYS B 211 -37.24 -0.70 -17.70
N ALA B 212 -36.46 -1.78 -17.71
CA ALA B 212 -37.00 -3.12 -17.47
C ALA B 212 -35.91 -4.14 -17.14
N PRO C 2 -24.78 14.72 7.67
CA PRO C 2 -23.85 15.84 8.01
C PRO C 2 -22.39 15.40 7.99
N LYS C 3 -21.57 16.05 7.17
CA LYS C 3 -20.15 15.74 7.07
C LYS C 3 -19.38 16.34 8.24
N LYS C 4 -18.11 15.95 8.37
CA LYS C 4 -17.25 16.42 9.46
C LYS C 4 -15.98 17.13 8.94
N PRO C 5 -15.20 17.74 9.84
CA PRO C 5 -13.98 18.42 9.41
C PRO C 5 -13.05 17.37 8.78
N LEU C 6 -12.20 17.82 7.85
CA LEU C 6 -11.30 16.92 7.11
C LEU C 6 -10.63 15.79 7.92
N ILE C 7 -9.87 16.13 8.94
CA ILE C 7 -9.16 15.14 9.72
C ILE C 7 -10.07 14.05 10.29
N ASP C 8 -11.24 14.44 10.78
CA ASP C 8 -12.18 13.46 11.34
C ASP C 8 -12.76 12.51 10.29
N GLN C 9 -12.43 12.70 9.02
CA GLN C 9 -12.91 11.82 7.98
C GLN C 9 -11.88 10.72 7.75
N LEU C 10 -10.84 10.70 8.58
CA LEU C 10 -9.80 9.70 8.46
C LEU C 10 -10.15 8.56 9.41
N HIS C 11 -10.53 7.43 8.81
CA HIS C 11 -10.92 6.25 9.57
C HIS C 11 -9.85 5.17 9.41
N HIS C 12 -9.54 4.47 10.48
CA HIS C 12 -8.51 3.45 10.40
C HIS C 12 -8.87 2.34 9.42
N GLU C 13 -10.15 2.09 9.20
CA GLU C 13 -10.56 1.04 8.28
C GLU C 13 -10.39 1.37 6.80
N ASP C 14 -10.35 2.66 6.49
CA ASP C 14 -10.25 3.10 5.10
C ASP C 14 -8.84 3.32 4.57
N SER C 15 -8.05 2.25 4.59
CA SER C 15 -6.66 2.28 4.15
C SER C 15 -6.41 2.71 2.71
N TRP C 16 -7.23 2.23 1.78
CA TRP C 16 -7.03 2.57 0.37
C TRP C 16 -7.10 4.06 0.09
N ARG C 17 -7.91 4.78 0.85
CA ARG C 17 -8.06 6.22 0.65
C ARG C 17 -6.74 6.95 0.89
N LEU C 18 -5.81 6.27 1.56
CA LEU C 18 -4.50 6.84 1.85
C LEU C 18 -3.67 7.06 0.59
N PHE C 19 -3.94 6.29 -0.46
CA PHE C 19 -3.18 6.43 -1.69
C PHE C 19 -3.47 7.74 -2.39
N ARG C 20 -4.59 8.36 -2.03
CA ARG C 20 -4.92 9.65 -2.61
C ARG C 20 -3.92 10.65 -2.04
N ILE C 21 -3.57 10.49 -0.77
CA ILE C 21 -2.59 11.38 -0.17
C ILE C 21 -1.24 11.13 -0.85
N LEU C 22 -0.84 9.85 -0.93
CA LEU C 22 0.43 9.51 -1.54
C LEU C 22 0.51 10.01 -2.98
N ALA C 23 -0.59 9.90 -3.71
CA ALA C 23 -0.59 10.36 -5.10
C ALA C 23 -0.40 11.87 -5.15
N GLU C 24 -0.96 12.55 -4.16
CA GLU C 24 -0.85 13.99 -4.08
C GLU C 24 0.63 14.39 -3.98
N PHE C 25 1.37 13.70 -3.12
CA PHE C 25 2.80 13.99 -2.98
C PHE C 25 3.52 13.77 -4.30
N VAL C 26 3.26 12.62 -4.91
CA VAL C 26 3.88 12.29 -6.18
C VAL C 26 3.71 13.42 -7.19
N GLU C 27 2.46 13.81 -7.41
CA GLU C 27 2.16 14.87 -8.36
C GLU C 27 2.81 16.16 -7.92
N GLY C 28 2.72 16.45 -6.62
CA GLY C 28 3.33 17.64 -6.07
C GLY C 28 4.83 17.68 -6.31
N PHE C 29 5.53 16.59 -6.00
CA PHE C 29 6.96 16.55 -6.20
C PHE C 29 7.29 16.71 -7.70
N GLU C 30 6.47 16.12 -8.56
CA GLU C 30 6.71 16.23 -9.99
C GLU C 30 6.55 17.67 -10.48
N THR C 31 5.41 18.26 -10.17
CA THR C 31 5.14 19.61 -10.61
C THR C 31 6.25 20.59 -10.22
N LEU C 32 6.57 20.62 -8.93
CA LEU C 32 7.57 21.55 -8.40
C LEU C 32 9.02 21.28 -8.80
N SER C 33 9.44 20.01 -8.77
CA SER C 33 10.82 19.66 -9.10
C SER C 33 11.20 19.94 -10.56
N GLU C 34 10.24 19.94 -11.47
CA GLU C 34 10.63 20.19 -12.84
C GLU C 34 10.85 21.67 -13.14
N LEU C 35 10.40 22.54 -12.23
CA LEU C 35 10.61 23.98 -12.40
C LEU C 35 12.11 24.25 -12.24
N GLN C 36 12.63 25.18 -13.04
CA GLN C 36 14.04 25.49 -12.98
C GLN C 36 14.35 26.74 -12.16
N VAL C 37 13.38 27.62 -12.01
CA VAL C 37 13.60 28.84 -11.22
C VAL C 37 13.70 28.56 -9.71
N PRO C 38 14.55 29.33 -8.99
CA PRO C 38 14.72 29.18 -7.54
C PRO C 38 13.37 29.54 -6.92
N LEU C 39 12.84 28.69 -6.04
CA LEU C 39 11.53 28.96 -5.47
C LEU C 39 11.54 29.46 -4.03
N VAL C 40 10.99 30.65 -3.85
CA VAL C 40 10.89 31.29 -2.56
C VAL C 40 9.44 31.18 -2.07
N SER C 41 9.24 30.50 -0.94
CA SER C 41 7.91 30.35 -0.38
C SER C 41 7.60 31.63 0.38
N VAL C 42 6.37 32.08 0.31
CA VAL C 42 5.99 33.32 0.97
C VAL C 42 4.67 33.13 1.67
N PHE C 43 4.54 33.69 2.87
CA PHE C 43 3.32 33.55 3.61
C PHE C 43 2.96 34.87 4.27
N GLY C 44 1.66 35.11 4.42
CA GLY C 44 1.17 36.34 5.00
C GLY C 44 -0.34 36.20 5.24
N SER C 45 -0.95 37.22 5.83
CA SER C 45 -2.38 37.21 6.10
C SER C 45 -3.26 36.97 4.89
N ALA C 46 -4.34 36.22 5.10
CA ALA C 46 -5.30 35.92 4.05
C ALA C 46 -6.45 36.93 4.13
N ARG C 47 -6.36 37.86 5.07
CA ARG C 47 -7.41 38.85 5.28
C ARG C 47 -7.10 40.25 4.77
N PHE C 48 -5.84 40.65 4.81
CA PHE C 48 -5.46 41.99 4.39
C PHE C 48 -5.45 42.12 2.86
N GLY C 49 -6.46 42.82 2.34
CA GLY C 49 -6.57 43.02 0.91
C GLY C 49 -5.96 44.32 0.42
N GLU C 50 -6.31 44.71 -0.81
CA GLU C 50 -5.81 45.93 -1.45
C GLU C 50 -5.98 47.19 -0.61
N GLY C 51 -4.89 47.91 -0.39
CA GLY C 51 -4.97 49.14 0.40
C GLY C 51 -4.36 48.95 1.76
N HIS C 52 -4.42 47.72 2.26
CA HIS C 52 -3.85 47.39 3.55
C HIS C 52 -2.33 47.37 3.33
N PRO C 53 -1.57 48.00 4.24
CA PRO C 53 -0.11 48.03 4.11
C PRO C 53 0.48 46.65 3.81
N ALA C 54 -0.05 45.64 4.47
CA ALA C 54 0.40 44.26 4.28
C ALA C 54 0.28 43.87 2.82
N TYR C 55 -0.88 44.12 2.23
CA TYR C 55 -1.13 43.78 0.83
C TYR C 55 -0.18 44.52 -0.12
N GLU C 56 0.02 45.80 0.13
CA GLU C 56 0.88 46.60 -0.72
C GLU C 56 2.31 46.13 -0.58
N ALA C 57 2.69 45.71 0.62
CA ALA C 57 4.04 45.23 0.85
C ALA C 57 4.19 43.88 0.16
N GLY C 58 3.10 43.11 0.15
CA GLY C 58 3.14 41.81 -0.50
C GLY C 58 3.40 41.97 -1.99
N TYR C 59 2.64 42.85 -2.63
CA TYR C 59 2.78 43.09 -4.06
C TYR C 59 4.20 43.50 -4.42
N ARG C 60 4.78 44.39 -3.62
CA ARG C 60 6.14 44.84 -3.89
C ARG C 60 7.17 43.72 -3.68
N LEU C 61 6.91 42.84 -2.72
CA LEU C 61 7.82 41.72 -2.46
C LEU C 61 7.82 40.79 -3.67
N GLY C 62 6.61 40.46 -4.13
CA GLY C 62 6.48 39.60 -5.29
C GLY C 62 7.18 40.19 -6.49
N ARG C 63 6.91 41.46 -6.78
CA ARG C 63 7.54 42.14 -7.90
C ARG C 63 9.04 42.02 -7.74
N ALA C 64 9.54 42.41 -6.57
CA ALA C 64 10.97 42.35 -6.30
C ALA C 64 11.60 40.97 -6.53
N LEU C 65 10.93 39.91 -6.10
CA LEU C 65 11.47 38.55 -6.27
C LEU C 65 11.46 38.08 -7.72
N ALA C 66 10.38 38.36 -8.45
CA ALA C 66 10.29 37.96 -9.86
C ALA C 66 11.35 38.68 -10.68
N GLU C 67 11.55 39.97 -10.39
CA GLU C 67 12.54 40.73 -11.12
C GLU C 67 13.94 40.24 -10.82
N ALA C 68 14.14 39.65 -9.65
CA ALA C 68 15.46 39.13 -9.29
C ALA C 68 15.66 37.71 -9.82
N GLY C 69 14.67 37.17 -10.53
CA GLY C 69 14.81 35.84 -11.08
C GLY C 69 14.20 34.69 -10.29
N PHE C 70 13.70 34.96 -9.08
CA PHE C 70 13.10 33.92 -8.26
C PHE C 70 11.63 33.65 -8.60
N GLY C 71 11.20 32.43 -8.32
CA GLY C 71 9.80 32.06 -8.53
C GLY C 71 9.24 32.11 -7.13
N VAL C 72 7.98 32.52 -6.98
CA VAL C 72 7.37 32.58 -5.65
C VAL C 72 6.38 31.47 -5.51
N VAL C 73 6.16 31.05 -4.28
CA VAL C 73 5.24 29.97 -3.97
C VAL C 73 4.41 30.42 -2.78
N THR C 74 3.09 30.45 -2.93
CA THR C 74 2.24 30.88 -1.83
C THR C 74 1.14 29.84 -1.68
N GLY C 75 0.27 30.05 -0.69
CA GLY C 75 -0.84 29.13 -0.47
C GLY C 75 -1.90 29.31 -1.54
N GLY C 76 -1.74 30.36 -2.36
CA GLY C 76 -2.68 30.61 -3.44
C GLY C 76 -4.02 31.25 -3.11
N GLY C 77 -4.22 31.65 -1.85
CA GLY C 77 -5.48 32.24 -1.49
C GLY C 77 -5.55 33.75 -1.69
N PRO C 78 -6.39 34.44 -0.90
CA PRO C 78 -6.57 35.89 -1.00
C PRO C 78 -5.62 36.64 -0.06
N GLY C 79 -5.90 37.92 0.15
CA GLY C 79 -5.08 38.72 1.03
C GLY C 79 -3.64 38.90 0.58
N VAL C 80 -2.72 38.87 1.53
CA VAL C 80 -1.31 39.07 1.20
C VAL C 80 -0.78 37.98 0.24
N GLU C 82 -2.44 36.58 -2.38
CA GLU C 82 -2.80 37.05 -3.71
C GLU C 82 -1.87 38.21 -4.06
N ALA C 83 -1.68 39.09 -3.10
CA ALA C 83 -0.82 40.24 -3.34
C ALA C 83 0.56 39.78 -3.83
N VAL C 84 1.13 38.79 -3.15
CA VAL C 84 2.44 38.30 -3.54
C VAL C 84 2.43 37.67 -4.93
N ASN C 85 1.47 36.79 -5.20
CA ASN C 85 1.37 36.14 -6.51
C ASN C 85 1.18 37.19 -7.60
N ARG C 86 0.33 38.16 -7.32
CA ARG C 86 0.03 39.23 -8.25
C ARG C 86 1.27 40.04 -8.62
N GLY C 87 2.07 40.38 -7.62
CA GLY C 87 3.27 41.16 -7.89
C GLY C 87 4.26 40.41 -8.76
N ALA C 88 4.43 39.11 -8.53
CA ALA C 88 5.37 38.33 -9.33
C ALA C 88 4.80 38.04 -10.72
N TYR C 89 3.53 37.67 -10.76
CA TYR C 89 2.84 37.36 -12.01
C TYR C 89 2.91 38.55 -12.95
N GLU C 90 2.40 39.69 -12.48
CA GLU C 90 2.39 40.91 -13.27
C GLU C 90 3.78 41.44 -13.63
N ALA C 91 4.83 40.93 -12.96
CA ALA C 91 6.19 41.37 -13.29
C ALA C 91 6.78 40.36 -14.27
N GLY C 92 5.96 39.41 -14.70
CA GLY C 92 6.42 38.40 -15.63
C GLY C 92 7.20 37.29 -14.96
N GLY C 93 6.97 37.07 -13.67
CA GLY C 93 7.70 36.01 -12.99
C GLY C 93 6.86 34.75 -12.89
N VAL C 94 7.48 33.64 -12.53
CA VAL C 94 6.73 32.39 -12.37
C VAL C 94 6.04 32.43 -11.01
N SER C 95 4.71 32.44 -11.04
CA SER C 95 3.92 32.49 -9.82
C SER C 95 3.30 31.13 -9.51
N VAL C 96 3.53 30.64 -8.30
CA VAL C 96 3.01 29.33 -7.91
C VAL C 96 2.11 29.39 -6.69
N GLY C 97 1.03 28.63 -6.74
CA GLY C 97 0.12 28.59 -5.62
C GLY C 97 -0.19 27.14 -5.27
N LEU C 98 0.01 26.80 -4.00
CA LEU C 98 -0.28 25.45 -3.53
C LEU C 98 -1.68 25.59 -2.92
N ASN C 99 -2.70 25.53 -3.79
CA ASN C 99 -4.10 25.71 -3.39
C ASN C 99 -4.81 24.51 -2.77
N ILE C 100 -5.50 24.77 -1.68
CA ILE C 100 -6.29 23.74 -1.02
C ILE C 100 -7.68 23.92 -1.62
N GLU C 101 -8.07 22.97 -2.46
CA GLU C 101 -9.35 23.05 -3.14
C GLU C 101 -10.37 21.97 -2.77
N LEU C 102 -11.43 22.39 -2.10
CA LEU C 102 -12.50 21.48 -1.67
C LEU C 102 -13.86 22.13 -1.87
N PRO C 108 -9.06 30.18 -5.52
CA PRO C 108 -7.65 30.40 -5.89
C PRO C 108 -7.51 31.74 -6.60
N ASN C 109 -6.55 32.56 -6.19
CA ASN C 109 -6.39 33.85 -6.86
C ASN C 109 -6.02 33.67 -8.34
N PRO C 110 -6.32 34.67 -9.19
CA PRO C 110 -6.05 34.66 -10.64
C PRO C 110 -4.66 35.04 -11.12
N TYR C 111 -3.66 35.03 -10.24
CA TYR C 111 -2.32 35.42 -10.66
C TYR C 111 -1.31 34.31 -10.44
N GLN C 112 -1.65 33.12 -10.92
CA GLN C 112 -0.79 31.97 -10.75
C GLN C 112 -0.40 31.36 -12.09
N THR C 113 0.90 31.22 -12.29
CA THR C 113 1.46 30.62 -13.49
C THR C 113 1.14 29.14 -13.39
N HIS C 114 1.39 28.60 -12.21
CA HIS C 114 1.13 27.20 -11.92
C HIS C 114 0.24 27.14 -10.70
N ALA C 115 -0.92 26.54 -10.88
CA ALA C 115 -1.87 26.42 -9.79
C ALA C 115 -2.07 24.97 -9.46
N LEU C 116 -1.49 24.50 -8.35
CA LEU C 116 -1.68 23.11 -7.97
C LEU C 116 -2.97 22.97 -7.16
N SER C 117 -3.69 21.87 -7.38
CA SER C 117 -4.94 21.61 -6.66
C SER C 117 -4.69 20.53 -5.62
N LEU C 118 -4.64 20.94 -4.35
CA LEU C 118 -4.38 20.01 -3.27
C LEU C 118 -5.61 19.80 -2.40
N ARG C 119 -5.80 18.57 -1.95
CA ARG C 119 -6.94 18.23 -1.10
C ARG C 119 -6.50 18.06 0.35
N TYR C 120 -5.22 17.77 0.54
CA TYR C 120 -4.70 17.58 1.87
C TYR C 120 -3.70 18.65 2.26
N PHE C 121 -4.05 19.45 3.26
CA PHE C 121 -3.18 20.51 3.70
C PHE C 121 -1.80 20.02 4.20
N PHE C 122 -1.71 18.81 4.76
CA PHE C 122 -0.40 18.38 5.22
C PHE C 122 0.57 18.12 4.06
N VAL C 123 0.04 17.72 2.91
CA VAL C 123 0.91 17.52 1.75
C VAL C 123 1.52 18.87 1.38
N ARG C 124 0.67 19.89 1.36
CA ARG C 124 1.09 21.24 1.04
C ARG C 124 2.25 21.73 1.93
N LYS C 125 2.22 21.37 3.22
CA LYS C 125 3.28 21.78 4.15
C LYS C 125 4.64 21.21 3.72
N VAL C 126 4.63 20.02 3.16
CA VAL C 126 5.88 19.44 2.70
C VAL C 126 6.29 20.19 1.43
N LEU C 127 5.32 20.48 0.57
CA LEU C 127 5.60 21.19 -0.67
C LEU C 127 6.14 22.60 -0.47
N PHE C 128 5.83 23.23 0.67
CA PHE C 128 6.30 24.59 0.95
C PHE C 128 7.81 24.66 1.23
N VAL C 129 8.38 23.56 1.72
CA VAL C 129 9.80 23.53 2.06
C VAL C 129 10.72 22.63 1.24
N ARG C 130 10.16 21.61 0.61
CA ARG C 130 10.93 20.65 -0.17
C ARG C 130 11.87 21.24 -1.21
N TYR C 131 11.48 22.36 -1.82
CA TYR C 131 12.29 23.00 -2.84
C TYR C 131 12.58 24.47 -2.51
N ALA C 132 12.31 24.86 -1.28
CA ALA C 132 12.52 26.23 -0.87
C ALA C 132 13.99 26.65 -0.86
N VAL C 133 14.23 27.80 -1.45
CA VAL C 133 15.54 28.40 -1.53
C VAL C 133 15.53 29.49 -0.43
N GLY C 134 14.33 29.81 0.03
CA GLY C 134 14.14 30.79 1.10
C GLY C 134 12.66 30.95 1.48
N PHE C 135 12.38 31.52 2.64
CA PHE C 135 11.00 31.71 3.08
C PHE C 135 10.77 33.12 3.64
N VAL C 136 9.68 33.76 3.23
CA VAL C 136 9.35 35.11 3.69
C VAL C 136 7.96 35.12 4.34
N PHE C 137 7.86 35.70 5.53
CA PHE C 137 6.59 35.77 6.22
C PHE C 137 6.20 37.21 6.46
N LEU C 138 5.01 37.57 6.00
CA LEU C 138 4.45 38.90 6.13
C LEU C 138 3.40 38.94 7.24
N PRO C 139 2.98 40.15 7.66
CA PRO C 139 1.97 40.23 8.73
C PRO C 139 0.78 39.31 8.46
N GLY C 140 0.44 38.49 9.44
CA GLY C 140 -0.69 37.58 9.27
C GLY C 140 -1.17 37.11 10.62
N GLY C 141 -2.03 36.09 10.61
CA GLY C 141 -2.57 35.57 11.85
C GLY C 141 -2.17 34.15 12.19
N PHE C 142 -3.15 33.34 12.57
CA PHE C 142 -2.89 31.96 12.94
C PHE C 142 -2.15 31.16 11.86
N GLY C 143 -2.63 31.23 10.62
CA GLY C 143 -2.00 30.51 9.53
C GLY C 143 -0.53 30.82 9.30
N THR C 144 -0.18 32.10 9.35
CA THR C 144 1.20 32.54 9.14
C THR C 144 2.13 32.08 10.28
N LEU C 145 1.67 32.21 11.52
CA LEU C 145 2.47 31.81 12.67
C LEU C 145 2.69 30.31 12.62
N ASP C 146 1.62 29.59 12.28
CA ASP C 146 1.65 28.14 12.14
C ASP C 146 2.73 27.75 11.13
N GLU C 147 2.76 28.42 9.99
CA GLU C 147 3.76 28.13 8.97
C GLU C 147 5.14 28.53 9.45
N LEU C 148 5.25 29.65 10.16
CA LEU C 148 6.55 30.08 10.66
C LEU C 148 7.10 29.05 11.65
N SER C 149 6.26 28.65 12.60
CA SER C 149 6.64 27.69 13.64
C SER C 149 7.14 26.41 13.03
N GLU C 150 6.32 25.81 12.19
CA GLU C 150 6.72 24.57 11.55
C GLU C 150 8.08 24.72 10.90
N VAL C 151 8.25 25.79 10.12
CA VAL C 151 9.52 26.04 9.46
C VAL C 151 10.68 26.09 10.48
N LEU C 152 10.52 26.91 11.51
CA LEU C 152 11.55 27.03 12.53
C LEU C 152 11.88 25.67 13.15
N VAL C 153 10.86 24.86 13.42
CA VAL C 153 11.10 23.53 14.00
C VAL C 153 11.82 22.61 13.01
N LEU C 154 11.39 22.59 11.76
CA LEU C 154 12.02 21.74 10.75
C LEU C 154 13.49 22.15 10.51
N LEU C 155 13.77 23.44 10.63
CA LEU C 155 15.11 23.96 10.44
C LEU C 155 15.95 23.63 11.68
N GLN C 156 15.42 23.96 12.84
CA GLN C 156 16.08 23.70 14.12
C GLN C 156 16.53 22.24 14.26
N THR C 157 15.64 21.32 13.91
CA THR C 157 15.94 19.89 14.02
C THR C 157 16.46 19.30 12.72
N GLU C 158 16.82 20.18 11.80
CA GLU C 158 17.38 19.79 10.51
C GLU C 158 16.65 18.68 9.77
N LYS C 159 15.34 18.85 9.63
CA LYS C 159 14.52 17.88 8.92
C LYS C 159 14.44 18.29 7.44
N VAL C 160 15.00 19.45 7.11
CA VAL C 160 15.01 19.94 5.74
C VAL C 160 16.25 20.78 5.53
N HIS C 161 16.69 20.88 4.28
CA HIS C 161 17.88 21.66 3.95
C HIS C 161 17.74 23.08 4.49
N ARG C 162 18.85 23.70 4.88
CA ARG C 162 18.82 25.05 5.40
C ARG C 162 18.46 26.05 4.29
N PHE C 163 17.73 27.08 4.67
CA PHE C 163 17.36 28.16 3.76
C PHE C 163 17.05 29.38 4.63
N PRO C 164 17.23 30.58 4.09
CA PRO C 164 16.98 31.82 4.83
C PRO C 164 15.49 32.05 5.14
N VAL C 165 15.20 32.52 6.35
CA VAL C 165 13.82 32.81 6.75
C VAL C 165 13.74 34.30 7.05
N PHE C 166 12.84 35.01 6.38
CA PHE C 166 12.70 36.45 6.61
C PHE C 166 11.32 36.87 7.07
N LEU C 167 11.28 37.70 8.11
CA LEU C 167 10.04 38.23 8.64
C LEU C 167 10.06 39.70 8.23
N LEU C 168 9.06 40.15 7.48
CA LEU C 168 9.01 41.54 7.05
C LEU C 168 8.03 42.35 7.87
N ASP C 169 8.47 43.56 8.24
CA ASP C 169 7.70 44.52 9.05
C ASP C 169 8.02 44.37 10.53
N ARG C 170 9.21 44.84 10.90
CA ARG C 170 9.70 44.80 12.26
C ARG C 170 8.63 45.19 13.29
N GLY C 171 7.90 46.25 13.00
CA GLY C 171 6.87 46.71 13.93
C GLY C 171 5.84 45.64 14.29
N TYR C 172 5.33 44.94 13.28
CA TYR C 172 4.32 43.90 13.48
C TYR C 172 4.82 42.63 14.17
N TRP C 173 6.06 42.21 13.89
CA TRP C 173 6.58 40.99 14.50
C TRP C 173 7.22 41.19 15.86
N GLU C 174 7.40 42.45 16.24
CA GLU C 174 8.03 42.83 17.51
C GLU C 174 7.68 41.93 18.70
N GLY C 175 6.41 41.89 19.08
CA GLY C 175 5.99 41.07 20.22
C GLY C 175 6.42 39.61 20.17
N LEU C 176 6.27 38.97 19.01
CA LEU C 176 6.64 37.58 18.83
C LEU C 176 8.15 37.40 19.01
N VAL C 177 8.93 38.22 18.31
CA VAL C 177 10.37 38.13 18.41
C VAL C 177 10.81 38.41 19.84
N ARG C 178 10.16 39.38 20.49
CA ARG C 178 10.54 39.67 21.88
C ARG C 178 10.27 38.42 22.71
N TRP C 179 9.09 37.83 22.57
CA TRP C 179 8.75 36.62 23.33
C TRP C 179 9.71 35.46 23.05
N LEU C 180 10.13 35.35 21.79
CA LEU C 180 11.04 34.27 21.41
C LEU C 180 12.39 34.46 22.10
N ALA C 181 12.80 35.71 22.28
CA ALA C 181 14.05 36.00 22.97
C ALA C 181 13.90 35.55 24.40
N PHE C 182 12.68 35.69 24.93
CA PHE C 182 12.37 35.26 26.28
C PHE C 182 12.54 33.74 26.38
N LEU C 183 12.16 33.03 25.33
CA LEU C 183 12.30 31.58 25.34
C LEU C 183 13.77 31.22 25.41
N ARG C 184 14.62 32.08 24.84
CA ARG C 184 16.04 31.79 24.88
C ARG C 184 16.59 32.07 26.28
N ASP C 185 16.05 33.09 26.96
CA ASP C 185 16.50 33.39 28.32
C ASP C 185 16.11 32.22 29.22
N GLN C 186 14.93 31.66 28.95
CA GLN C 186 14.42 30.52 29.70
C GLN C 186 15.15 29.23 29.31
N LYS C 187 15.99 29.31 28.29
CA LYS C 187 16.73 28.14 27.85
C LYS C 187 15.89 27.08 27.11
N ALA C 188 14.67 27.45 26.73
CA ALA C 188 13.79 26.51 26.03
C ALA C 188 14.25 26.34 24.58
N VAL C 189 15.05 27.28 24.14
CA VAL C 189 15.59 27.31 22.79
C VAL C 189 17.12 27.43 22.87
N GLY C 190 17.81 26.95 21.84
CA GLY C 190 19.26 27.02 21.81
C GLY C 190 19.81 28.42 21.54
N PRO C 191 21.10 28.65 21.84
CA PRO C 191 21.80 29.93 21.64
C PRO C 191 21.65 30.53 20.25
N GLU C 192 22.04 29.75 19.25
CA GLU C 192 22.01 30.14 17.84
C GLU C 192 20.63 30.00 17.17
N ASP C 193 19.71 29.30 17.82
CA ASP C 193 18.36 29.08 17.27
C ASP C 193 17.64 30.30 16.75
N LEU C 194 17.76 31.44 17.42
CA LEU C 194 17.09 32.66 16.96
C LEU C 194 17.69 33.23 15.66
N GLN C 195 18.87 32.77 15.28
CA GLN C 195 19.52 33.25 14.06
C GLN C 195 18.89 32.61 12.83
N LEU C 196 18.04 31.63 13.05
CA LEU C 196 17.36 30.96 11.94
C LEU C 196 16.51 31.93 11.12
N PHE C 197 16.16 33.09 11.69
CA PHE C 197 15.36 34.09 10.96
C PHE C 197 15.91 35.51 11.07
N ARG C 198 15.43 36.41 10.21
CA ARG C 198 15.85 37.82 10.20
C ARG C 198 14.66 38.78 9.97
N LEU C 199 14.65 39.91 10.66
CA LEU C 199 13.59 40.92 10.51
C LEU C 199 14.00 41.96 9.47
N THR C 200 13.02 42.50 8.73
CA THR C 200 13.30 43.51 7.73
C THR C 200 12.07 44.31 7.36
N ASP C 201 12.27 45.56 6.95
CA ASP C 201 11.17 46.42 6.56
C ASP C 201 11.13 46.61 5.06
N GLU C 202 11.90 45.83 4.32
CA GLU C 202 11.90 45.99 2.89
C GLU C 202 12.30 44.79 2.04
N PRO C 203 11.52 44.52 0.99
CA PRO C 203 11.75 43.42 0.06
C PRO C 203 13.18 43.35 -0.45
N GLU C 204 13.76 44.52 -0.69
CA GLU C 204 15.11 44.57 -1.22
C GLU C 204 16.17 43.87 -0.40
N GLU C 205 16.09 43.95 0.93
CA GLU C 205 17.10 43.29 1.77
C GLU C 205 16.93 41.79 1.56
N VAL C 206 15.69 41.34 1.47
CA VAL C 206 15.38 39.93 1.24
C VAL C 206 16.04 39.49 -0.06
N VAL C 207 15.86 40.28 -1.12
CA VAL C 207 16.44 39.95 -2.42
C VAL C 207 17.96 39.94 -2.41
N GLN C 208 18.57 40.96 -1.80
CA GLN C 208 20.02 41.02 -1.77
C GLN C 208 20.53 39.80 -0.99
N ALA C 209 19.77 39.41 0.03
CA ALA C 209 20.13 38.26 0.85
C ALA C 209 20.05 36.97 0.03
N LEU C 210 18.91 36.72 -0.59
CA LEU C 210 18.74 35.51 -1.39
C LEU C 210 19.82 35.45 -2.45
N LYS C 211 20.12 36.61 -3.05
CA LYS C 211 21.17 36.69 -4.05
C LYS C 211 22.43 36.05 -3.49
N ALA C 212 22.92 36.57 -2.37
CA ALA C 212 24.12 36.00 -1.75
C ALA C 212 23.82 34.55 -1.40
N LYS D 3 24.43 12.48 4.96
CA LYS D 3 24.03 13.85 5.41
C LYS D 3 22.87 14.36 4.54
N LYS D 4 21.68 13.79 4.75
CA LYS D 4 20.48 14.14 4.00
C LYS D 4 19.23 14.29 4.86
N PRO D 5 18.71 15.53 4.98
CA PRO D 5 17.51 15.77 5.80
C PRO D 5 16.30 14.96 5.33
N LEU D 6 15.55 14.45 6.30
CA LEU D 6 14.38 13.63 6.03
C LEU D 6 13.59 14.09 4.80
N ILE D 7 13.09 15.33 4.87
CA ILE D 7 12.29 15.90 3.80
C ILE D 7 12.94 15.90 2.43
N ASP D 8 14.24 16.16 2.37
CA ASP D 8 14.92 16.18 1.07
C ASP D 8 15.12 14.78 0.49
N GLN D 9 14.81 13.75 1.27
CA GLN D 9 14.96 12.40 0.74
C GLN D 9 13.70 11.92 0.02
N LEU D 10 12.64 12.74 0.07
CA LEU D 10 11.41 12.41 -0.61
C LEU D 10 11.53 12.77 -2.09
N HIS D 11 11.13 11.83 -2.95
CA HIS D 11 11.15 11.99 -4.41
C HIS D 11 9.93 11.21 -4.91
N HIS D 12 9.35 11.64 -6.02
CA HIS D 12 8.15 10.96 -6.52
C HIS D 12 8.43 9.56 -7.03
N GLU D 13 9.70 9.26 -7.29
CA GLU D 13 10.08 7.94 -7.77
C GLU D 13 10.57 7.00 -6.67
N ASP D 14 10.87 7.53 -5.49
CA ASP D 14 11.33 6.70 -4.37
C ASP D 14 10.14 6.14 -3.57
N SER D 15 9.44 5.19 -4.19
CA SER D 15 8.27 4.57 -3.60
C SER D 15 8.29 4.16 -2.13
N TRP D 16 9.41 3.60 -1.67
CA TRP D 16 9.50 3.12 -0.29
C TRP D 16 9.32 4.17 0.78
N ARG D 17 9.93 5.33 0.57
CA ARG D 17 9.79 6.40 1.55
C ARG D 17 8.34 6.89 1.63
N LEU D 18 7.63 6.77 0.52
CA LEU D 18 6.21 7.16 0.49
C LEU D 18 5.39 6.06 1.18
N PHE D 19 5.90 4.83 1.16
CA PHE D 19 5.18 3.75 1.82
C PHE D 19 5.38 3.81 3.33
N ARG D 20 6.48 4.43 3.76
CA ARG D 20 6.76 4.60 5.19
C ARG D 20 5.78 5.62 5.72
N ILE D 21 5.43 6.58 4.87
CA ILE D 21 4.45 7.60 5.25
C ILE D 21 3.12 6.86 5.43
N LEU D 22 2.85 5.93 4.52
CA LEU D 22 1.61 5.13 4.54
C LEU D 22 1.56 4.29 5.83
N ALA D 23 2.68 3.66 6.15
CA ALA D 23 2.77 2.82 7.34
C ALA D 23 2.50 3.59 8.63
N GLU D 24 3.03 4.82 8.72
CA GLU D 24 2.84 5.62 9.92
C GLU D 24 1.36 5.97 10.09
N PHE D 25 0.64 6.17 9.00
CA PHE D 25 -0.79 6.47 9.13
C PHE D 25 -1.58 5.23 9.54
N VAL D 26 -1.26 4.10 8.92
CA VAL D 26 -1.95 2.87 9.23
C VAL D 26 -1.74 2.49 10.69
N GLU D 27 -0.50 2.44 11.13
CA GLU D 27 -0.22 2.08 12.51
C GLU D 27 -0.69 3.14 13.50
N GLY D 28 -0.54 4.40 13.13
CA GLY D 28 -0.99 5.45 14.01
C GLY D 28 -2.49 5.36 14.24
N PHE D 29 -3.30 5.30 13.18
CA PHE D 29 -4.77 5.26 13.32
C PHE D 29 -5.28 3.98 13.99
N GLU D 30 -4.70 2.84 13.65
CA GLU D 30 -5.13 1.58 14.23
C GLU D 30 -4.85 1.59 15.73
N THR D 31 -3.60 1.84 16.10
CA THR D 31 -3.19 1.89 17.49
C THR D 31 -4.07 2.82 18.34
N LEU D 32 -4.22 4.07 17.91
CA LEU D 32 -5.00 5.04 18.68
C LEU D 32 -6.50 4.83 18.66
N SER D 33 -7.04 4.39 17.53
CA SER D 33 -8.48 4.19 17.43
C SER D 33 -9.00 3.10 18.36
N GLU D 34 -8.16 2.12 18.66
CA GLU D 34 -8.54 1.02 19.54
C GLU D 34 -8.59 1.38 21.04
N LEU D 35 -7.91 2.45 21.43
CA LEU D 35 -7.88 2.83 22.84
C LEU D 35 -9.32 3.10 23.32
N GLN D 36 -9.63 2.58 24.50
CA GLN D 36 -10.98 2.72 25.04
C GLN D 36 -11.06 3.72 26.17
N VAL D 37 -10.21 4.73 26.10
CA VAL D 37 -10.14 5.78 27.10
C VAL D 37 -10.04 7.14 26.39
N PRO D 38 -10.71 8.19 26.93
CA PRO D 38 -10.66 9.52 26.31
C PRO D 38 -9.23 10.02 26.24
N LEU D 39 -8.80 10.43 25.05
CA LEU D 39 -7.43 10.89 24.86
C LEU D 39 -7.20 12.40 24.91
N VAL D 40 -6.25 12.81 25.75
CA VAL D 40 -5.89 14.21 25.92
C VAL D 40 -4.43 14.35 25.49
N SER D 41 -4.18 15.18 24.50
CA SER D 41 -2.83 15.38 24.03
C SER D 41 -2.10 16.42 24.86
N VAL D 42 -0.81 16.21 25.10
CA VAL D 42 0.01 17.13 25.89
C VAL D 42 1.36 17.39 25.26
N PHE D 43 1.75 18.65 25.19
CA PHE D 43 3.03 19.02 24.60
C PHE D 43 3.71 20.06 25.48
N GLY D 44 5.02 19.95 25.64
CA GLY D 44 5.77 20.88 26.45
C GLY D 44 7.25 20.80 26.18
N SER D 45 8.04 21.61 26.88
CA SER D 45 9.48 21.62 26.69
C SER D 45 10.13 20.24 26.79
N ALA D 46 11.07 19.97 25.88
CA ALA D 46 11.78 18.73 25.88
C ALA D 46 13.05 18.95 26.67
N ARG D 47 13.28 20.21 27.05
CA ARG D 47 14.50 20.57 27.76
C ARG D 47 14.39 20.74 29.27
N PHE D 48 13.26 21.23 29.77
CA PHE D 48 13.07 21.43 31.20
C PHE D 48 12.99 20.08 31.95
N GLY D 49 13.95 19.83 32.82
CA GLY D 49 13.98 18.58 33.55
C GLY D 49 13.55 18.63 34.99
N GLU D 50 13.68 17.49 35.68
CA GLU D 50 13.33 17.35 37.08
C GLU D 50 13.77 18.56 37.89
N GLY D 51 12.87 19.09 38.71
CA GLY D 51 13.20 20.25 39.51
C GLY D 51 12.53 21.51 38.98
N HIS D 52 12.48 21.63 37.65
CA HIS D 52 11.85 22.79 37.02
C HIS D 52 10.33 22.69 37.22
N PRO D 53 9.67 23.83 37.47
CA PRO D 53 8.21 23.83 37.67
C PRO D 53 7.46 23.10 36.56
N ALA D 54 7.73 23.46 35.31
CA ALA D 54 7.05 22.85 34.17
C ALA D 54 7.06 21.32 34.20
N TYR D 55 8.23 20.73 34.48
CA TYR D 55 8.40 19.28 34.58
C TYR D 55 7.52 18.73 35.71
N GLU D 56 7.65 19.35 36.88
CA GLU D 56 6.88 18.94 38.05
C GLU D 56 5.38 18.98 37.69
N ALA D 57 4.93 20.07 37.06
CA ALA D 57 3.53 20.22 36.70
C ALA D 57 3.12 19.17 35.65
N GLY D 58 4.09 18.72 34.85
CA GLY D 58 3.79 17.72 33.85
C GLY D 58 3.40 16.44 34.57
N TYR D 59 4.13 16.14 35.64
CA TYR D 59 3.83 14.93 36.41
C TYR D 59 2.42 15.02 37.00
N ARG D 60 2.11 16.13 37.65
CA ARG D 60 0.80 16.30 38.24
C ARG D 60 -0.25 16.16 37.15
N LEU D 61 0.01 16.74 35.98
CA LEU D 61 -0.94 16.62 34.86
C LEU D 61 -1.09 15.16 34.49
N GLY D 62 0.03 14.50 34.20
CA GLY D 62 0.01 13.10 33.84
C GLY D 62 -0.81 12.28 34.83
N ARG D 63 -0.44 12.35 36.11
CA ARG D 63 -1.16 11.60 37.13
C ARG D 63 -2.63 11.98 37.26
N ALA D 64 -2.92 13.27 37.38
CA ALA D 64 -4.29 13.73 37.53
C ALA D 64 -5.17 13.29 36.36
N LEU D 65 -4.61 13.30 35.16
CA LEU D 65 -5.37 12.86 33.99
C LEU D 65 -5.69 11.38 34.07
N ALA D 66 -4.67 10.58 34.42
CA ALA D 66 -4.82 9.12 34.54
C ALA D 66 -5.86 8.74 35.58
N GLU D 67 -5.90 9.46 36.70
CA GLU D 67 -6.84 9.18 37.77
C GLU D 67 -8.26 9.67 37.45
N ALA D 68 -8.38 10.62 36.54
CA ALA D 68 -9.69 11.12 36.17
C ALA D 68 -10.24 10.27 35.03
N GLY D 69 -9.48 9.25 34.65
CA GLY D 69 -9.93 8.36 33.60
C GLY D 69 -9.54 8.69 32.16
N PHE D 70 -8.69 9.71 31.96
CA PHE D 70 -8.26 10.09 30.63
C PHE D 70 -6.90 9.45 30.30
N GLY D 71 -6.66 9.21 29.00
CA GLY D 71 -5.37 8.68 28.57
C GLY D 71 -4.56 9.87 28.07
N VAL D 72 -3.23 9.80 28.12
CA VAL D 72 -2.41 10.91 27.67
C VAL D 72 -1.60 10.60 26.43
N VAL D 73 -1.53 11.56 25.51
CA VAL D 73 -0.73 11.40 24.28
C VAL D 73 0.28 12.55 24.24
N THR D 74 1.56 12.20 24.18
CA THR D 74 2.65 13.19 24.16
C THR D 74 3.55 13.01 22.94
N GLY D 75 4.51 13.92 22.77
CA GLY D 75 5.45 13.78 21.66
C GLY D 75 6.49 12.72 21.99
N GLY D 76 6.42 12.20 23.21
CA GLY D 76 7.32 11.15 23.65
C GLY D 76 8.81 11.39 23.87
N GLY D 77 9.25 12.63 23.93
CA GLY D 77 10.67 12.88 24.13
C GLY D 77 11.03 13.02 25.62
N PRO D 78 12.16 13.68 25.94
CA PRO D 78 12.62 13.90 27.32
C PRO D 78 11.94 15.13 27.90
N GLY D 79 12.43 15.57 29.06
CA GLY D 79 11.90 16.76 29.71
C GLY D 79 10.46 16.67 30.17
N VAL D 80 9.73 17.76 29.98
CA VAL D 80 8.33 17.82 30.40
C VAL D 80 7.49 16.73 29.75
N GLU D 82 8.39 13.67 29.12
CA GLU D 82 8.56 12.48 29.92
C GLU D 82 7.83 12.60 31.26
N ALA D 83 7.74 13.81 31.79
CA ALA D 83 7.06 14.04 33.05
C ALA D 83 5.60 13.61 32.96
N VAL D 84 4.91 14.05 31.91
CA VAL D 84 3.52 13.70 31.70
C VAL D 84 3.35 12.20 31.50
N ASN D 85 4.22 11.60 30.69
CA ASN D 85 4.16 10.16 30.44
C ASN D 85 4.35 9.39 31.75
N ARG D 86 5.36 9.77 32.53
CA ARG D 86 5.63 9.12 33.81
C ARG D 86 4.45 9.24 34.78
N GLY D 87 3.96 10.46 34.97
CA GLY D 87 2.82 10.67 35.87
C GLY D 87 1.61 9.83 35.54
N ALA D 88 1.18 9.84 34.29
CA ALA D 88 0.01 9.07 33.85
C ALA D 88 0.30 7.57 33.90
N TYR D 89 1.50 7.20 33.51
CA TYR D 89 1.90 5.81 33.50
C TYR D 89 1.90 5.21 34.90
N GLU D 90 2.72 5.77 35.78
CA GLU D 90 2.82 5.27 37.15
C GLU D 90 1.48 5.35 37.89
N ALA D 91 0.50 6.00 37.28
CA ALA D 91 -0.82 6.10 37.88
C ALA D 91 -1.71 5.01 37.28
N GLY D 92 -1.10 4.17 36.45
CA GLY D 92 -1.84 3.09 35.80
C GLY D 92 -2.71 3.53 34.64
N GLY D 93 -2.53 4.77 34.19
CA GLY D 93 -3.32 5.27 33.08
C GLY D 93 -2.70 4.88 31.75
N VAL D 94 -3.45 5.12 30.68
CA VAL D 94 -2.97 4.83 29.33
C VAL D 94 -2.06 5.99 28.92
N SER D 95 -0.81 5.67 28.60
CA SER D 95 0.17 6.69 28.23
C SER D 95 0.71 6.44 26.83
N VAL D 96 0.42 7.36 25.91
CA VAL D 96 0.88 7.19 24.53
C VAL D 96 2.00 8.16 24.19
N GLY D 97 2.92 7.69 23.35
CA GLY D 97 4.03 8.50 22.91
C GLY D 97 4.08 8.52 21.38
N LEU D 98 4.02 9.70 20.80
CA LEU D 98 4.12 9.81 19.35
C LEU D 98 5.57 10.24 19.13
N ASN D 99 6.47 9.26 19.23
CA ASN D 99 7.90 9.49 19.12
C ASN D 99 8.41 9.78 17.73
N ILE D 100 9.25 10.80 17.63
CA ILE D 100 9.82 11.12 16.36
C ILE D 100 11.25 10.65 16.31
N GLU D 101 11.59 9.94 15.23
CA GLU D 101 12.93 9.42 15.03
C GLU D 101 13.88 10.56 14.65
N LEU D 102 14.16 11.45 15.60
CA LEU D 102 15.06 12.58 15.34
C LEU D 102 16.45 12.09 14.92
N PRO D 108 13.24 6.74 23.06
CA PRO D 108 11.93 7.15 23.60
C PRO D 108 11.85 6.84 25.09
N ASN D 109 11.35 7.81 25.88
CA ASN D 109 11.23 7.59 27.31
C ASN D 109 10.49 6.28 27.56
N PRO D 110 10.85 5.57 28.64
CA PRO D 110 10.23 4.28 28.99
C PRO D 110 8.93 4.32 29.79
N TYR D 111 8.13 5.38 29.63
CA TYR D 111 6.88 5.44 30.37
C TYR D 111 5.66 5.53 29.44
N GLN D 112 5.63 4.66 28.44
CA GLN D 112 4.53 4.65 27.49
C GLN D 112 3.86 3.27 27.42
N THR D 113 2.53 3.27 27.47
CA THR D 113 1.73 2.06 27.39
C THR D 113 1.69 1.64 25.93
N HIS D 114 1.93 2.60 25.04
CA HIS D 114 1.93 2.38 23.61
C HIS D 114 2.89 3.38 22.98
N ALA D 115 3.93 2.88 22.30
CA ALA D 115 4.93 3.73 21.67
C ALA D 115 4.86 3.69 20.15
N LEU D 116 4.57 4.82 19.54
CA LEU D 116 4.50 4.89 18.08
C LEU D 116 5.78 5.49 17.52
N SER D 117 6.40 4.76 16.59
CA SER D 117 7.64 5.20 15.95
C SER D 117 7.31 6.01 14.69
N LEU D 118 7.48 7.32 14.77
CA LEU D 118 7.16 8.23 13.67
C LEU D 118 8.36 8.97 13.10
N ARG D 119 8.36 9.17 11.79
CA ARG D 119 9.47 9.89 11.17
C ARG D 119 9.00 11.17 10.56
N TYR D 120 7.71 11.23 10.27
CA TYR D 120 7.14 12.39 9.62
C TYR D 120 6.31 13.32 10.50
N PHE D 121 6.80 14.54 10.65
CA PHE D 121 6.16 15.55 11.47
C PHE D 121 4.68 15.74 11.13
N PHE D 122 4.31 15.65 9.84
CA PHE D 122 2.90 15.86 9.49
C PHE D 122 1.99 14.68 9.87
N VAL D 123 2.56 13.49 10.02
CA VAL D 123 1.75 12.35 10.42
C VAL D 123 1.54 12.46 11.92
N ARG D 124 2.56 12.99 12.60
CA ARG D 124 2.48 13.15 14.04
C ARG D 124 1.44 14.20 14.38
N LYS D 125 1.39 15.26 13.59
CA LYS D 125 0.44 16.36 13.83
C LYS D 125 -1.00 15.87 13.69
N VAL D 126 -1.26 15.04 12.69
CA VAL D 126 -2.61 14.51 12.51
C VAL D 126 -2.97 13.63 13.72
N LEU D 127 -2.08 12.71 14.07
CA LEU D 127 -2.34 11.81 15.19
C LEU D 127 -2.52 12.52 16.53
N PHE D 128 -1.95 13.72 16.65
CA PHE D 128 -2.07 14.49 17.89
C PHE D 128 -3.51 14.97 18.14
N VAL D 129 -4.23 15.30 17.08
CA VAL D 129 -5.60 15.81 17.22
C VAL D 129 -6.76 14.92 16.77
N ARG D 130 -6.47 13.90 15.98
CA ARG D 130 -7.49 12.99 15.45
C ARG D 130 -8.48 12.46 16.47
N TYR D 131 -8.01 12.19 17.68
CA TYR D 131 -8.88 11.62 18.70
C TYR D 131 -8.81 12.40 20.01
N ALA D 132 -8.26 13.61 19.96
CA ALA D 132 -8.10 14.42 21.17
C ALA D 132 -9.39 15.04 21.66
N VAL D 133 -9.59 14.98 22.98
CA VAL D 133 -10.77 15.56 23.61
C VAL D 133 -10.30 16.76 24.41
N GLY D 134 -9.04 17.13 24.20
CA GLY D 134 -8.44 18.24 24.89
C GLY D 134 -6.96 18.25 24.61
N PHE D 135 -6.36 19.42 24.64
CA PHE D 135 -4.94 19.57 24.39
C PHE D 135 -4.38 20.55 25.42
N VAL D 136 -3.32 20.10 26.11
CA VAL D 136 -2.68 20.88 27.16
C VAL D 136 -1.25 21.27 26.78
N PHE D 137 -0.96 22.56 26.87
CA PHE D 137 0.36 23.03 26.52
C PHE D 137 1.13 23.59 27.72
N LEU D 138 2.28 22.97 27.98
CA LEU D 138 3.14 23.38 29.07
C LEU D 138 4.28 24.21 28.50
N PRO D 139 5.01 24.94 29.36
CA PRO D 139 6.14 25.77 28.93
C PRO D 139 7.09 24.98 28.03
N GLY D 140 7.37 25.51 26.84
CA GLY D 140 8.27 24.82 25.92
C GLY D 140 9.00 25.80 25.02
N GLY D 141 9.54 25.29 23.90
CA GLY D 141 10.27 26.14 22.97
C GLY D 141 9.71 26.10 21.55
N PHE D 142 10.57 25.97 20.54
CA PHE D 142 10.06 25.93 19.15
C PHE D 142 9.00 24.84 18.97
N GLY D 143 9.36 23.60 19.31
CA GLY D 143 8.42 22.49 19.19
C GLY D 143 7.04 22.76 19.75
N THR D 144 6.99 23.23 20.99
CA THR D 144 5.71 23.51 21.65
C THR D 144 4.92 24.63 20.95
N LEU D 145 5.61 25.69 20.53
CA LEU D 145 4.94 26.77 19.82
C LEU D 145 4.36 26.26 18.49
N ASP D 146 5.14 25.42 17.82
CA ASP D 146 4.76 24.84 16.53
C ASP D 146 3.47 24.05 16.68
N GLU D 147 3.46 23.12 17.63
CA GLU D 147 2.28 22.30 17.87
C GLU D 147 1.07 23.11 18.32
N LEU D 148 1.32 24.21 19.05
CA LEU D 148 0.23 25.05 19.53
C LEU D 148 -0.38 25.78 18.33
N SER D 149 0.48 26.41 17.52
CA SER D 149 0.05 27.12 16.32
C SER D 149 -0.80 26.21 15.43
N GLU D 150 -0.33 24.97 15.27
CA GLU D 150 -1.03 23.99 14.45
C GLU D 150 -2.45 23.81 14.96
N VAL D 151 -2.56 23.45 16.23
CA VAL D 151 -3.86 23.23 16.85
C VAL D 151 -4.76 24.43 16.67
N LEU D 152 -4.25 25.62 16.96
CA LEU D 152 -5.11 26.78 16.80
C LEU D 152 -5.61 26.92 15.38
N VAL D 153 -4.75 26.72 14.37
CA VAL D 153 -5.22 26.85 12.99
C VAL D 153 -6.23 25.78 12.55
N LEU D 154 -6.04 24.55 13.02
CA LEU D 154 -6.95 23.47 12.67
C LEU D 154 -8.33 23.74 13.29
N LEU D 155 -8.33 24.24 14.53
CA LEU D 155 -9.56 24.55 15.25
C LEU D 155 -10.24 25.76 14.61
N GLN D 156 -9.48 26.84 14.45
CA GLN D 156 -9.98 28.07 13.85
C GLN D 156 -10.61 27.79 12.49
N THR D 157 -9.92 26.96 11.71
CA THR D 157 -10.30 26.61 10.36
C THR D 157 -11.26 25.44 10.19
N GLU D 158 -11.60 24.77 11.29
CA GLU D 158 -12.50 23.62 11.24
C GLU D 158 -11.90 22.46 10.46
N LYS D 159 -10.61 22.20 10.62
CA LYS D 159 -10.02 21.07 9.90
C LYS D 159 -10.12 19.84 10.78
N VAL D 160 -10.53 20.05 12.02
CA VAL D 160 -10.66 18.97 12.99
C VAL D 160 -11.77 19.33 13.95
N HIS D 161 -12.33 18.32 14.62
CA HIS D 161 -13.39 18.52 15.59
C HIS D 161 -12.85 19.40 16.71
N ARG D 162 -13.73 20.05 17.45
CA ARG D 162 -13.30 20.95 18.51
C ARG D 162 -12.97 20.29 19.84
N PHE D 163 -12.06 20.90 20.58
CA PHE D 163 -11.65 20.42 21.89
C PHE D 163 -11.02 21.57 22.66
N PRO D 164 -11.12 21.54 24.00
CA PRO D 164 -10.53 22.60 24.82
C PRO D 164 -9.03 22.60 24.67
N VAL D 165 -8.42 23.78 24.77
CA VAL D 165 -6.98 23.92 24.68
C VAL D 165 -6.54 24.71 25.90
N PHE D 166 -5.58 24.17 26.64
CA PHE D 166 -5.12 24.85 27.84
C PHE D 166 -3.65 25.20 27.82
N LEU D 167 -3.36 26.39 28.34
CA LEU D 167 -1.99 26.84 28.45
C LEU D 167 -1.65 27.00 29.93
N LEU D 168 -0.75 26.15 30.42
CA LEU D 168 -0.32 26.19 31.82
C LEU D 168 0.80 27.23 32.00
N ASP D 169 0.71 28.00 33.08
CA ASP D 169 1.68 29.04 33.45
C ASP D 169 1.40 30.37 32.74
N ARG D 170 0.50 31.17 33.33
CA ARG D 170 0.14 32.47 32.75
C ARG D 170 1.36 33.35 32.52
N GLY D 171 2.32 33.26 33.43
CA GLY D 171 3.52 34.07 33.30
C GLY D 171 4.31 33.73 32.05
N TYR D 172 4.67 32.46 31.89
CA TYR D 172 5.46 32.02 30.75
C TYR D 172 4.88 32.38 29.38
N TRP D 173 3.58 32.16 29.20
CA TRP D 173 2.90 32.44 27.93
C TRP D 173 2.48 33.90 27.72
N GLU D 174 2.75 34.72 28.72
CA GLU D 174 2.37 36.13 28.69
C GLU D 174 2.68 36.86 27.39
N GLY D 175 3.95 36.85 27.01
CA GLY D 175 4.35 37.55 25.80
C GLY D 175 3.64 37.14 24.53
N LEU D 176 3.33 35.84 24.44
CA LEU D 176 2.66 35.31 23.26
C LEU D 176 1.17 35.65 23.18
N VAL D 177 0.44 35.50 24.28
CA VAL D 177 -0.99 35.77 24.24
C VAL D 177 -1.31 37.24 24.00
N ARG D 178 -0.44 38.13 24.46
CA ARG D 178 -0.64 39.55 24.24
C ARG D 178 -0.39 39.83 22.78
N TRP D 179 0.65 39.22 22.22
CA TRP D 179 0.92 39.43 20.82
C TRP D 179 -0.29 38.93 20.02
N LEU D 180 -0.86 37.80 20.44
CA LEU D 180 -2.03 37.24 19.76
C LEU D 180 -3.21 38.20 19.89
N ALA D 181 -3.22 38.91 21.02
CA ALA D 181 -4.27 39.89 21.30
C ALA D 181 -4.07 41.03 20.32
N PHE D 182 -2.80 41.33 20.04
CA PHE D 182 -2.45 42.37 19.09
C PHE D 182 -3.02 41.97 17.72
N LEU D 183 -2.85 40.71 17.36
CA LEU D 183 -3.35 40.22 16.08
C LEU D 183 -4.85 40.43 15.96
N ARG D 184 -5.59 40.15 17.03
CA ARG D 184 -7.03 40.35 16.96
C ARG D 184 -7.32 41.83 16.84
N ASP D 185 -6.50 42.66 17.47
CA ASP D 185 -6.69 44.08 17.36
C ASP D 185 -6.45 44.45 15.91
N GLN D 186 -5.46 43.80 15.32
CA GLN D 186 -5.12 44.05 13.91
C GLN D 186 -6.08 43.40 12.93
N LYS D 187 -7.06 42.64 13.43
CA LYS D 187 -8.04 41.96 12.58
C LYS D 187 -7.41 40.81 11.80
N ALA D 188 -6.20 40.42 12.20
CA ALA D 188 -5.50 39.32 11.54
C ALA D 188 -6.18 38.02 11.96
N VAL D 189 -6.95 38.11 13.04
CA VAL D 189 -7.68 36.96 13.58
C VAL D 189 -9.10 37.39 13.86
N GLY D 190 -10.01 36.44 13.89
CA GLY D 190 -11.41 36.75 14.14
C GLY D 190 -11.76 37.07 15.59
N PRO D 191 -12.91 37.71 15.82
CA PRO D 191 -13.44 38.12 17.13
C PRO D 191 -13.42 37.07 18.24
N GLU D 192 -13.54 35.79 17.87
CA GLU D 192 -13.56 34.72 18.86
C GLU D 192 -12.38 33.73 18.81
N ASP D 193 -11.39 34.00 17.95
CA ASP D 193 -10.25 33.09 17.81
C ASP D 193 -9.33 32.95 19.03
N LEU D 194 -9.34 33.94 19.90
CA LEU D 194 -8.51 33.87 21.10
C LEU D 194 -9.22 32.98 22.11
N GLN D 195 -10.49 32.73 21.84
CA GLN D 195 -11.33 31.89 22.69
C GLN D 195 -11.01 30.41 22.49
N LEU D 196 -10.26 30.09 21.44
CA LEU D 196 -9.89 28.69 21.17
C LEU D 196 -8.97 28.12 22.25
N PHE D 197 -8.56 28.96 23.20
CA PHE D 197 -7.67 28.52 24.27
C PHE D 197 -7.90 29.31 25.56
N ARG D 198 -7.32 28.83 26.65
CA ARG D 198 -7.44 29.48 27.95
C ARG D 198 -6.20 29.23 28.81
N LEU D 199 -5.78 30.25 29.54
CA LEU D 199 -4.64 30.14 30.42
C LEU D 199 -5.12 29.57 31.75
N THR D 200 -4.24 28.83 32.42
CA THR D 200 -4.55 28.27 33.72
C THR D 200 -3.20 28.03 34.39
N ASP D 201 -3.15 28.17 35.71
CA ASP D 201 -1.91 28.01 36.44
C ASP D 201 -1.63 26.63 37.03
N GLU D 202 -2.68 25.83 37.24
CA GLU D 202 -2.44 24.51 37.81
C GLU D 202 -3.11 23.38 37.03
N PRO D 203 -2.44 22.21 36.98
CA PRO D 203 -2.93 21.02 36.29
C PRO D 203 -4.34 20.65 36.77
N GLU D 204 -4.53 20.74 38.07
CA GLU D 204 -5.79 20.40 38.68
C GLU D 204 -6.98 21.08 38.01
N GLU D 205 -6.80 22.34 37.65
CA GLU D 205 -7.86 23.11 37.02
C GLU D 205 -8.23 22.52 35.67
N VAL D 206 -7.22 22.15 34.89
CA VAL D 206 -7.44 21.58 33.58
C VAL D 206 -8.23 20.27 33.68
N VAL D 207 -7.81 19.39 34.59
CA VAL D 207 -8.50 18.12 34.77
C VAL D 207 -9.94 18.40 35.22
N GLN D 208 -10.12 19.52 35.92
CA GLN D 208 -11.43 19.91 36.42
C GLN D 208 -12.34 20.30 35.25
N ALA D 209 -11.86 21.24 34.43
CA ALA D 209 -12.62 21.71 33.28
C ALA D 209 -12.87 20.58 32.28
N LEU D 210 -11.96 19.60 32.25
CA LEU D 210 -12.11 18.47 31.36
C LEU D 210 -13.25 17.58 31.81
N LYS D 211 -13.24 17.20 33.08
CA LYS D 211 -14.30 16.35 33.62
C LYS D 211 -15.68 16.85 33.22
N ALA D 212 -15.76 18.12 32.84
CA ALA D 212 -17.02 18.68 32.36
C ALA D 212 -17.00 18.53 30.83
N GLU D 213 -17.55 17.42 30.35
CA GLU D 213 -17.59 17.13 28.91
C GLU D 213 -18.74 16.15 28.59
N ALA D 214 -18.60 15.42 27.48
CA ALA D 214 -19.61 14.46 27.02
C ALA D 214 -20.26 13.66 28.15
N PRO D 215 -21.61 13.58 28.13
CA PRO D 215 -22.39 12.84 29.15
C PRO D 215 -22.25 11.33 29.06
N LYS E 4 -11.37 -12.13 20.62
CA LYS E 4 -11.25 -12.70 19.24
C LYS E 4 -9.79 -12.69 18.80
N PRO E 5 -9.23 -13.88 18.53
CA PRO E 5 -7.84 -14.06 18.11
C PRO E 5 -7.45 -13.30 16.84
N LEU E 6 -6.22 -12.80 16.86
CA LEU E 6 -5.59 -12.03 15.77
C LEU E 6 -5.83 -12.65 14.39
N ILE E 7 -5.45 -13.91 14.23
CA ILE E 7 -5.61 -14.60 12.96
C ILE E 7 -7.06 -14.65 12.49
N ASP E 8 -7.95 -14.96 13.42
CA ASP E 8 -9.36 -15.06 13.11
C ASP E 8 -9.96 -13.71 12.73
N GLN E 9 -9.21 -12.64 12.96
CA GLN E 9 -9.69 -11.33 12.57
C GLN E 9 -9.33 -11.02 11.13
N LEU E 10 -8.52 -11.88 10.53
CA LEU E 10 -8.14 -11.72 9.13
C LEU E 10 -9.28 -12.21 8.23
N HIS E 11 -9.71 -11.33 7.33
CA HIS E 11 -10.76 -11.63 6.35
C HIS E 11 -10.30 -11.05 5.02
N HIS E 12 -10.58 -11.75 3.92
CA HIS E 12 -10.14 -11.26 2.63
C HIS E 12 -10.71 -9.86 2.30
N GLU E 13 -11.75 -9.44 3.01
CA GLU E 13 -12.34 -8.13 2.73
C GLU E 13 -11.90 -6.96 3.64
N ASP E 14 -11.39 -7.24 4.83
CA ASP E 14 -10.95 -6.18 5.74
C ASP E 14 -9.56 -5.67 5.36
N SER E 15 -9.50 -4.88 4.30
CA SER E 15 -8.23 -4.37 3.81
C SER E 15 -7.30 -3.76 4.86
N TRP E 16 -7.86 -3.02 5.82
CA TRP E 16 -7.03 -2.37 6.84
C TRP E 16 -6.15 -3.31 7.65
N ARG E 17 -6.64 -4.51 7.90
CA ARG E 17 -5.86 -5.48 8.65
C ARG E 17 -4.69 -5.93 7.77
N LEU E 18 -4.93 -6.00 6.46
CA LEU E 18 -3.88 -6.37 5.53
C LEU E 18 -2.85 -5.24 5.41
N PHE E 19 -3.30 -3.98 5.53
CA PHE E 19 -2.35 -2.87 5.45
C PHE E 19 -1.49 -2.78 6.70
N ARG E 20 -1.98 -3.32 7.81
CA ARG E 20 -1.17 -3.31 9.03
C ARG E 20 0.01 -4.28 8.81
N ILE E 21 -0.26 -5.38 8.10
CA ILE E 21 0.78 -6.38 7.80
C ILE E 21 1.81 -5.71 6.92
N LEU E 22 1.31 -4.91 5.98
CA LEU E 22 2.18 -4.19 5.06
C LEU E 22 3.03 -3.19 5.83
N ALA E 23 2.38 -2.41 6.68
CA ALA E 23 3.07 -1.42 7.48
C ALA E 23 4.22 -2.04 8.30
N GLU E 24 4.00 -3.19 8.91
CA GLU E 24 5.05 -3.83 9.70
C GLU E 24 6.19 -4.30 8.83
N PHE E 25 5.89 -4.79 7.62
CA PHE E 25 6.94 -5.22 6.71
C PHE E 25 7.80 -4.01 6.31
N VAL E 26 7.12 -2.90 6.03
CA VAL E 26 7.81 -1.68 5.62
C VAL E 26 8.71 -1.09 6.70
N GLU E 27 8.17 -0.85 7.89
CA GLU E 27 8.97 -0.28 8.96
C GLU E 27 10.10 -1.20 9.45
N GLY E 28 9.86 -2.51 9.42
CA GLY E 28 10.86 -3.44 9.85
C GLY E 28 12.02 -3.53 8.87
N PHE E 29 11.71 -3.64 7.57
CA PHE E 29 12.77 -3.71 6.57
C PHE E 29 13.54 -2.40 6.56
N GLU E 30 12.84 -1.28 6.73
CA GLU E 30 13.50 0.01 6.74
C GLU E 30 14.44 0.17 7.92
N THR E 31 13.98 -0.24 9.10
CA THR E 31 14.79 -0.12 10.31
C THR E 31 15.99 -1.06 10.31
N LEU E 32 15.76 -2.34 10.03
CA LEU E 32 16.86 -3.28 10.02
C LEU E 32 17.89 -2.98 8.91
N SER E 33 17.42 -2.74 7.68
CA SER E 33 18.32 -2.49 6.56
C SER E 33 19.31 -1.34 6.75
N GLU E 34 18.94 -0.32 7.52
CA GLU E 34 19.85 0.79 7.71
C GLU E 34 20.84 0.63 8.85
N LEU E 35 20.68 -0.42 9.64
CA LEU E 35 21.63 -0.66 10.71
C LEU E 35 22.95 -0.90 9.99
N GLN E 36 24.06 -0.46 10.58
CA GLN E 36 25.36 -0.59 9.93
C GLN E 36 26.33 -1.54 10.62
N VAL E 37 25.80 -2.60 11.21
CA VAL E 37 26.64 -3.59 11.88
C VAL E 37 26.00 -4.93 11.52
N PRO E 38 26.81 -6.01 11.43
CA PRO E 38 26.23 -7.32 11.09
C PRO E 38 25.21 -7.59 12.19
N LEU E 39 24.07 -8.17 11.85
CA LEU E 39 23.03 -8.44 12.84
C LEU E 39 22.87 -9.91 13.24
N VAL E 40 23.00 -10.19 14.54
CA VAL E 40 22.82 -11.55 15.03
C VAL E 40 21.49 -11.66 15.79
N SER E 41 20.68 -12.64 15.43
CA SER E 41 19.38 -12.80 16.08
C SER E 41 19.56 -13.73 17.25
N VAL E 42 18.83 -13.46 18.33
CA VAL E 42 18.91 -14.26 19.52
C VAL E 42 17.52 -14.54 20.08
N PHE E 43 17.28 -15.78 20.48
CA PHE E 43 15.99 -16.14 21.05
C PHE E 43 16.25 -17.01 22.28
N GLY E 44 15.38 -16.87 23.27
CA GLY E 44 15.52 -17.62 24.49
C GLY E 44 14.28 -17.45 25.36
N SER E 45 14.23 -18.19 26.46
CA SER E 45 13.07 -18.15 27.37
C SER E 45 12.66 -16.75 27.80
N ALA E 46 11.37 -16.49 27.77
CA ALA E 46 10.85 -15.20 28.19
C ALA E 46 10.68 -15.26 29.71
N ARG E 47 10.74 -16.48 30.27
CA ARG E 47 10.54 -16.70 31.71
C ARG E 47 11.77 -16.75 32.63
N PHE E 48 12.95 -17.03 32.08
CA PHE E 48 14.15 -17.11 32.90
C PHE E 48 14.82 -15.76 33.19
N GLY E 49 14.40 -15.13 34.30
CA GLY E 49 14.92 -13.84 34.71
C GLY E 49 16.28 -13.89 35.37
N GLU E 50 16.74 -12.75 35.86
CA GLU E 50 18.05 -12.69 36.50
C GLU E 50 18.15 -13.71 37.64
N GLY E 51 19.31 -14.34 37.74
CA GLY E 51 19.52 -15.37 38.74
C GLY E 51 19.63 -16.70 38.04
N HIS E 52 18.89 -16.84 36.93
CA HIS E 52 18.90 -18.06 36.14
C HIS E 52 20.16 -18.18 35.29
N PRO E 53 20.66 -19.40 35.13
CA PRO E 53 21.88 -19.63 34.33
C PRO E 53 21.71 -19.20 32.87
N ALA E 54 20.50 -19.30 32.33
CA ALA E 54 20.26 -18.92 30.94
C ALA E 54 20.38 -17.40 30.80
N TYR E 55 19.92 -16.70 31.83
CA TYR E 55 19.95 -15.25 31.84
C TYR E 55 21.40 -14.77 31.86
N GLU E 56 22.20 -15.36 32.74
CA GLU E 56 23.60 -14.97 32.81
C GLU E 56 24.24 -15.24 31.45
N ALA E 57 23.98 -16.42 30.91
CA ALA E 57 24.52 -16.81 29.61
C ALA E 57 24.07 -15.82 28.54
N GLY E 58 22.81 -15.41 28.60
CA GLY E 58 22.31 -14.46 27.62
C GLY E 58 22.93 -13.09 27.77
N TYR E 59 23.19 -12.68 29.02
CA TYR E 59 23.79 -11.38 29.31
C TYR E 59 25.19 -11.31 28.73
N ARG E 60 25.96 -12.36 28.98
CA ARG E 60 27.32 -12.46 28.51
C ARG E 60 27.44 -12.56 26.98
N LEU E 61 26.46 -13.23 26.37
CA LEU E 61 26.43 -13.39 24.92
C LEU E 61 26.25 -12.03 24.23
N GLY E 62 25.29 -11.24 24.72
CA GLY E 62 25.02 -9.92 24.13
C GLY E 62 26.21 -9.01 24.30
N ARG E 63 26.81 -9.06 25.48
CA ARG E 63 27.98 -8.27 25.82
C ARG E 63 29.08 -8.55 24.80
N ALA E 64 29.48 -9.82 24.70
CA ALA E 64 30.53 -10.23 23.79
C ALA E 64 30.16 -9.90 22.35
N LEU E 65 28.87 -10.04 22.02
CA LEU E 65 28.37 -9.75 20.68
C LEU E 65 28.61 -8.27 20.38
N ALA E 66 28.19 -7.41 21.30
CA ALA E 66 28.36 -5.96 21.16
C ALA E 66 29.84 -5.61 21.04
N GLU E 67 30.67 -6.27 21.85
CA GLU E 67 32.10 -6.00 21.84
C GLU E 67 32.81 -6.48 20.56
N ALA E 68 32.26 -7.48 19.89
CA ALA E 68 32.85 -7.97 18.64
C ALA E 68 32.30 -7.18 17.46
N GLY E 69 31.53 -6.14 17.74
CA GLY E 69 31.00 -5.30 16.67
C GLY E 69 29.74 -5.76 15.99
N PHE E 70 29.01 -6.67 16.62
CA PHE E 70 27.75 -7.18 16.08
C PHE E 70 26.60 -6.49 16.78
N GLY E 71 25.47 -6.45 16.10
CA GLY E 71 24.28 -5.90 16.71
C GLY E 71 23.47 -7.12 17.08
N VAL E 72 22.56 -7.01 18.03
CA VAL E 72 21.75 -8.15 18.42
C VAL E 72 20.30 -7.84 18.16
N VAL E 73 19.57 -8.87 17.76
CA VAL E 73 18.14 -8.76 17.48
C VAL E 73 17.41 -9.84 18.28
N THR E 74 16.59 -9.42 19.23
CA THR E 74 15.84 -10.35 20.07
C THR E 74 14.34 -10.07 19.88
N GLY E 75 13.51 -10.82 20.61
CA GLY E 75 12.08 -10.62 20.54
C GLY E 75 11.68 -9.45 21.42
N GLY E 76 12.65 -8.94 22.18
CA GLY E 76 12.40 -7.81 23.04
C GLY E 76 11.63 -8.01 24.33
N GLY E 77 11.30 -9.25 24.68
CA GLY E 77 10.56 -9.48 25.90
C GLY E 77 11.41 -9.55 27.17
N PRO E 78 10.87 -10.15 28.24
CA PRO E 78 11.60 -10.28 29.50
C PRO E 78 12.57 -11.47 29.43
N GLY E 79 13.03 -11.88 30.60
CA GLY E 79 13.89 -13.04 30.71
C GLY E 79 15.15 -12.97 29.89
N VAL E 80 15.51 -14.10 29.29
CA VAL E 80 16.72 -14.20 28.51
C VAL E 80 16.80 -13.12 27.43
N GLU E 82 15.71 -10.16 27.58
CA GLU E 82 16.10 -8.95 28.29
C GLU E 82 17.61 -9.00 28.50
N ALA E 83 18.08 -10.13 29.01
CA ALA E 83 19.49 -10.35 29.27
C ALA E 83 20.36 -10.10 28.04
N VAL E 84 19.94 -10.62 26.88
CA VAL E 84 20.73 -10.42 25.67
C VAL E 84 20.77 -8.94 25.27
N ASN E 85 19.61 -8.29 25.19
CA ASN E 85 19.55 -6.87 24.84
C ASN E 85 20.39 -6.08 25.83
N ARG E 86 20.18 -6.35 27.12
CA ARG E 86 20.91 -5.67 28.17
C ARG E 86 22.42 -5.79 28.00
N GLY E 87 22.92 -7.01 27.86
CA GLY E 87 24.35 -7.23 27.69
C GLY E 87 24.94 -6.47 26.49
N ALA E 88 24.15 -6.38 25.42
CA ALA E 88 24.60 -5.69 24.22
C ALA E 88 24.52 -4.19 24.44
N TYR E 89 23.38 -3.76 24.98
CA TYR E 89 23.09 -2.36 25.25
C TYR E 89 24.12 -1.72 26.17
N GLU E 90 24.39 -2.38 27.29
CA GLU E 90 25.34 -1.87 28.28
C GLU E 90 26.78 -1.88 27.78
N ALA E 91 27.02 -2.46 26.62
CA ALA E 91 28.39 -2.49 26.11
C ALA E 91 28.54 -1.51 24.94
N GLY E 92 27.54 -0.63 24.79
CA GLY E 92 27.55 0.36 23.73
C GLY E 92 27.14 -0.17 22.36
N GLY E 93 26.59 -1.37 22.34
CA GLY E 93 26.21 -1.94 21.06
C GLY E 93 24.80 -1.66 20.59
N VAL E 94 24.55 -1.99 19.34
CA VAL E 94 23.22 -1.81 18.79
C VAL E 94 22.45 -2.99 19.37
N SER E 95 21.24 -2.71 19.87
CA SER E 95 20.38 -3.71 20.48
C SER E 95 18.93 -3.54 20.02
N VAL E 96 18.50 -4.46 19.16
CA VAL E 96 17.16 -4.43 18.58
C VAL E 96 16.14 -5.35 19.26
N GLY E 97 14.92 -4.86 19.39
CA GLY E 97 13.88 -5.68 19.97
C GLY E 97 12.72 -5.72 19.01
N LEU E 98 12.35 -6.92 18.55
CA LEU E 98 11.19 -7.03 17.66
C LEU E 98 10.01 -7.37 18.54
N ASN E 99 9.63 -6.42 19.38
CA ASN E 99 8.53 -6.57 20.32
C ASN E 99 7.23 -7.03 19.68
N ILE E 100 6.63 -8.07 20.26
CA ILE E 100 5.37 -8.59 19.73
C ILE E 100 4.19 -8.13 20.59
N GLU E 101 3.14 -7.64 19.95
CA GLU E 101 1.95 -7.15 20.65
C GLU E 101 0.99 -8.28 21.03
N PRO E 108 8.29 -4.69 27.29
CA PRO E 108 9.49 -4.51 26.47
C PRO E 108 10.66 -4.02 27.31
N ASN E 109 11.72 -4.83 27.42
CA ASN E 109 12.88 -4.45 28.22
C ASN E 109 13.42 -3.06 27.85
N PRO E 110 13.98 -2.34 28.83
CA PRO E 110 14.54 -1.00 28.66
C PRO E 110 15.88 -0.95 27.94
N TYR E 111 16.37 -2.09 27.47
CA TYR E 111 17.66 -2.10 26.82
C TYR E 111 17.64 -2.27 25.30
N GLN E 112 16.80 -1.49 24.63
CA GLN E 112 16.69 -1.56 23.18
C GLN E 112 17.01 -0.24 22.51
N THR E 113 18.09 -0.21 21.74
CA THR E 113 18.49 0.99 21.02
C THR E 113 17.49 1.23 19.89
N HIS E 114 16.82 0.16 19.46
CA HIS E 114 15.81 0.23 18.39
C HIS E 114 14.66 -0.70 18.81
N ALA E 115 13.44 -0.17 18.85
CA ALA E 115 12.28 -0.97 19.26
C ALA E 115 11.16 -1.02 18.23
N LEU E 116 10.81 -2.22 17.76
CA LEU E 116 9.75 -2.40 16.78
C LEU E 116 8.51 -2.96 17.46
N SER E 117 7.34 -2.52 17.02
CA SER E 117 6.07 -3.00 17.58
C SER E 117 5.35 -3.77 16.48
N LEU E 118 5.20 -5.08 16.67
CA LEU E 118 4.54 -5.93 15.68
C LEU E 118 3.37 -6.69 16.27
N ARG E 119 2.36 -6.96 15.46
CA ARG E 119 1.22 -7.73 15.92
C ARG E 119 1.30 -9.11 15.27
N TYR E 120 1.81 -9.14 14.05
CA TYR E 120 1.89 -10.39 13.33
C TYR E 120 3.20 -11.14 13.49
N PHE E 121 3.09 -12.32 14.07
CA PHE E 121 4.22 -13.20 14.31
C PHE E 121 4.99 -13.53 13.04
N PHE E 122 4.31 -13.86 11.95
CA PHE E 122 4.99 -14.21 10.70
C PHE E 122 5.84 -13.07 10.15
N VAL E 123 5.48 -11.83 10.45
CA VAL E 123 6.27 -10.71 9.97
C VAL E 123 7.57 -10.69 10.76
N ARG E 124 7.44 -10.79 12.08
CA ARG E 124 8.59 -10.81 12.98
C ARG E 124 9.55 -11.93 12.56
N LYS E 125 8.97 -13.06 12.17
CA LYS E 125 9.80 -14.18 11.77
C LYS E 125 10.60 -13.88 10.51
N VAL E 126 10.06 -13.06 9.60
CA VAL E 126 10.80 -12.74 8.40
C VAL E 126 11.95 -11.80 8.78
N LEU E 127 11.64 -10.81 9.60
CA LEU E 127 12.60 -9.81 10.09
C LEU E 127 13.74 -10.44 10.90
N PHE E 128 13.43 -11.52 11.62
CA PHE E 128 14.45 -12.23 12.41
C PHE E 128 15.54 -12.84 11.53
N VAL E 129 15.17 -13.21 10.31
CA VAL E 129 16.17 -13.81 9.44
C VAL E 129 16.63 -13.00 8.22
N ARG E 130 15.81 -12.06 7.76
CA ARG E 130 16.18 -11.27 6.59
C ARG E 130 17.61 -10.72 6.53
N TYR E 131 18.13 -10.21 7.64
CA TYR E 131 19.49 -9.66 7.67
C TYR E 131 20.40 -10.41 8.64
N ALA E 132 19.98 -11.61 9.04
CA ALA E 132 20.73 -12.42 9.98
C ALA E 132 22.07 -12.90 9.45
N VAL E 133 23.10 -12.78 10.28
CA VAL E 133 24.44 -13.20 9.93
C VAL E 133 24.70 -14.41 10.82
N GLY E 134 23.85 -14.57 11.82
CA GLY E 134 23.95 -15.69 12.74
C GLY E 134 22.69 -15.74 13.57
N PHE E 135 22.46 -16.87 14.22
CA PHE E 135 21.30 -17.04 15.08
C PHE E 135 21.67 -17.92 16.28
N VAL E 136 21.43 -17.41 17.48
CA VAL E 136 21.77 -18.13 18.70
C VAL E 136 20.53 -18.44 19.52
N PHE E 137 20.40 -19.68 19.98
CA PHE E 137 19.27 -20.04 20.79
C PHE E 137 19.72 -20.48 22.17
N LEU E 138 19.15 -19.85 23.19
CA LEU E 138 19.46 -20.19 24.57
C LEU E 138 18.27 -20.99 25.12
N PRO E 139 18.43 -21.65 26.28
CA PRO E 139 17.35 -22.43 26.89
C PRO E 139 16.01 -21.68 26.88
N GLY E 140 14.94 -22.36 26.47
CA GLY E 140 13.63 -21.73 26.40
C GLY E 140 12.45 -22.68 26.34
N GLY E 141 11.29 -22.15 25.97
CA GLY E 141 10.08 -22.96 25.88
C GLY E 141 9.51 -23.08 24.48
N PHE E 142 8.19 -22.99 24.33
CA PHE E 142 7.55 -23.11 23.02
C PHE E 142 8.04 -22.06 22.01
N GLY E 143 8.08 -20.79 22.43
CA GLY E 143 8.52 -19.73 21.54
C GLY E 143 9.89 -20.01 20.97
N THR E 144 10.78 -20.51 21.81
CA THR E 144 12.14 -20.82 21.38
C THR E 144 12.22 -22.04 20.44
N LEU E 145 11.39 -23.06 20.70
CA LEU E 145 11.36 -24.28 19.89
C LEU E 145 10.76 -23.89 18.52
N ASP E 146 9.75 -23.04 18.59
CA ASP E 146 9.03 -22.53 17.42
C ASP E 146 9.95 -21.78 16.48
N GLU E 147 10.80 -20.91 17.01
CA GLU E 147 11.72 -20.13 16.19
C GLU E 147 12.88 -20.95 15.64
N LEU E 148 13.48 -21.76 16.50
CA LEU E 148 14.58 -22.63 16.10
C LEU E 148 14.17 -23.55 14.96
N SER E 149 13.09 -24.31 15.17
CA SER E 149 12.63 -25.25 14.16
C SER E 149 12.27 -24.54 12.84
N GLU E 150 11.85 -23.29 12.90
CA GLU E 150 11.52 -22.60 11.65
C GLU E 150 12.81 -22.21 10.93
N VAL E 151 13.79 -21.74 11.69
CA VAL E 151 15.06 -21.37 11.10
C VAL E 151 15.65 -22.60 10.39
N LEU E 152 15.65 -23.74 11.05
CA LEU E 152 16.19 -24.97 10.44
C LEU E 152 15.45 -25.35 9.16
N VAL E 153 14.13 -25.17 9.14
CA VAL E 153 13.38 -25.51 7.94
C VAL E 153 13.81 -24.59 6.80
N LEU E 154 13.91 -23.31 7.11
CA LEU E 154 14.30 -22.29 6.15
C LEU E 154 15.72 -22.51 5.64
N LEU E 155 16.62 -22.93 6.54
CA LEU E 155 18.00 -23.17 6.12
C LEU E 155 18.08 -24.46 5.31
N GLN E 156 17.32 -25.46 5.75
CA GLN E 156 17.30 -26.75 5.11
C GLN E 156 16.74 -26.66 3.70
N THR E 157 15.59 -26.02 3.54
CA THR E 157 15.01 -25.88 2.20
C THR E 157 15.53 -24.65 1.45
N GLU E 158 16.48 -23.95 2.03
CA GLU E 158 17.07 -22.77 1.41
C GLU E 158 16.14 -21.61 1.06
N LYS E 159 15.29 -21.22 2.00
CA LYS E 159 14.39 -20.09 1.77
C LYS E 159 15.03 -18.77 2.21
N VAL E 160 16.24 -18.85 2.77
CA VAL E 160 17.01 -17.68 3.17
C VAL E 160 18.48 -17.99 2.95
N HIS E 161 19.30 -16.96 2.81
CA HIS E 161 20.72 -17.14 2.65
C HIS E 161 21.16 -17.93 3.87
N ARG E 162 22.24 -18.68 3.73
CA ARG E 162 22.75 -19.49 4.84
C ARG E 162 23.39 -18.63 5.92
N PHE E 163 23.27 -19.07 7.17
CA PHE E 163 23.87 -18.35 8.29
C PHE E 163 24.04 -19.34 9.41
N PRO E 164 25.10 -19.19 10.23
CA PRO E 164 25.32 -20.13 11.34
C PRO E 164 24.21 -20.10 12.38
N VAL E 165 23.96 -21.25 13.00
CA VAL E 165 22.99 -21.39 14.06
C VAL E 165 23.70 -22.06 15.26
N PHE E 166 23.58 -21.46 16.44
CA PHE E 166 24.19 -22.00 17.65
C PHE E 166 23.17 -22.22 18.76
N LEU E 167 23.30 -23.35 19.46
CA LEU E 167 22.43 -23.65 20.60
C LEU E 167 23.31 -23.57 21.85
N LEU E 168 22.83 -22.89 22.88
CA LEU E 168 23.63 -22.77 24.09
C LEU E 168 23.04 -23.52 25.27
N ASP E 169 23.90 -24.30 25.92
CA ASP E 169 23.58 -25.12 27.10
C ASP E 169 23.32 -26.57 26.70
N ARG E 170 24.41 -27.33 26.59
CA ARG E 170 24.36 -28.73 26.21
C ARG E 170 23.35 -29.56 27.00
N GLY E 171 23.36 -29.39 28.31
CA GLY E 171 22.46 -30.14 29.16
C GLY E 171 20.99 -29.89 28.94
N TYR E 172 20.63 -28.65 28.61
CA TYR E 172 19.22 -28.30 28.40
C TYR E 172 18.66 -28.79 27.06
N TRP E 173 19.44 -28.65 25.99
CA TRP E 173 19.01 -29.06 24.64
C TRP E 173 19.24 -30.55 24.37
N GLU E 174 19.69 -31.28 25.38
CA GLU E 174 19.99 -32.69 25.18
C GLU E 174 18.86 -33.56 24.65
N GLY E 175 17.65 -33.39 25.21
CA GLY E 175 16.52 -34.17 24.76
C GLY E 175 16.12 -33.90 23.33
N LEU E 176 16.11 -32.63 22.95
CA LEU E 176 15.75 -32.24 21.60
C LEU E 176 16.75 -32.74 20.56
N VAL E 177 18.04 -32.58 20.86
CA VAL E 177 19.10 -32.99 19.95
C VAL E 177 19.11 -34.49 19.72
N ARG E 178 19.17 -35.26 20.80
CA ARG E 178 19.16 -36.72 20.72
C ARG E 178 18.00 -37.19 19.83
N TRP E 179 16.86 -36.51 19.94
CA TRP E 179 15.66 -36.85 19.16
C TRP E 179 15.84 -36.51 17.68
N LEU E 180 16.52 -35.40 17.41
CA LEU E 180 16.75 -35.01 16.02
C LEU E 180 17.66 -36.09 15.42
N ALA E 181 18.50 -36.70 16.26
CA ALA E 181 19.37 -37.77 15.79
C ALA E 181 18.46 -38.94 15.46
N PHE E 182 17.41 -39.10 16.27
CA PHE E 182 16.45 -40.18 16.02
C PHE E 182 15.86 -39.90 14.64
N LEU E 183 15.43 -38.66 14.42
CA LEU E 183 14.85 -38.30 13.13
C LEU E 183 15.79 -38.64 11.98
N ARG E 184 17.05 -38.25 12.08
CA ARG E 184 18.01 -38.54 11.00
C ARG E 184 18.09 -40.03 10.77
N ASP E 185 18.14 -40.81 11.85
CA ASP E 185 18.23 -42.25 11.72
C ASP E 185 16.96 -42.77 11.06
N GLN E 186 15.82 -42.17 11.42
CA GLN E 186 14.55 -42.55 10.82
C GLN E 186 14.57 -42.10 9.37
N LYS E 187 15.53 -41.23 9.05
CA LYS E 187 15.69 -40.68 7.72
C LYS E 187 14.60 -39.68 7.36
N ALA E 188 14.06 -38.97 8.34
CA ALA E 188 13.04 -37.96 8.06
C ALA E 188 13.78 -36.66 7.81
N VAL E 189 15.10 -36.74 7.94
CA VAL E 189 15.99 -35.60 7.78
C VAL E 189 17.26 -36.05 7.04
N GLY E 190 17.80 -35.13 6.26
CA GLY E 190 19.00 -35.42 5.49
C GLY E 190 20.23 -35.68 6.33
N PRO E 191 21.25 -36.33 5.74
CA PRO E 191 22.52 -36.68 6.40
C PRO E 191 23.15 -35.53 7.19
N GLU E 192 23.44 -34.42 6.51
CA GLU E 192 24.05 -33.29 7.19
C GLU E 192 23.12 -32.14 7.58
N ASP E 193 21.85 -32.45 7.80
CA ASP E 193 20.89 -31.43 8.21
C ASP E 193 21.08 -31.07 9.69
N LEU E 194 21.56 -32.04 10.46
CA LEU E 194 21.81 -31.80 11.88
C LEU E 194 23.00 -30.85 12.01
N GLN E 195 23.80 -30.77 10.94
CA GLN E 195 24.99 -29.93 10.90
C GLN E 195 24.65 -28.45 10.72
N LEU E 196 23.36 -28.18 10.54
CA LEU E 196 22.90 -26.81 10.35
C LEU E 196 23.12 -25.98 11.62
N PHE E 197 23.31 -26.65 12.75
CA PHE E 197 23.53 -25.95 14.03
C PHE E 197 24.63 -26.63 14.85
N ARG E 198 25.17 -25.91 15.82
CA ARG E 198 26.19 -26.46 16.70
C ARG E 198 25.78 -26.19 18.14
N LEU E 199 25.83 -27.24 18.95
CA LEU E 199 25.46 -27.18 20.38
C LEU E 199 26.71 -26.73 21.15
N THR E 200 26.54 -25.80 22.08
CA THR E 200 27.68 -25.31 22.83
C THR E 200 27.31 -24.90 24.26
N ASP E 201 28.35 -24.60 25.04
CA ASP E 201 28.18 -24.15 26.43
C ASP E 201 28.77 -22.76 26.59
N GLU E 202 29.76 -22.42 25.78
CA GLU E 202 30.41 -21.13 25.92
C GLU E 202 29.99 -20.06 24.92
N PRO E 203 29.36 -18.99 25.41
CA PRO E 203 28.89 -17.87 24.58
C PRO E 203 30.06 -17.21 23.84
N GLU E 204 31.22 -17.17 24.49
CA GLU E 204 32.39 -16.56 23.86
C GLU E 204 32.83 -17.27 22.60
N GLU E 205 32.65 -18.58 22.51
CA GLU E 205 33.05 -19.28 21.30
C GLU E 205 32.03 -19.03 20.21
N VAL E 206 30.78 -18.83 20.60
CA VAL E 206 29.73 -18.54 19.63
C VAL E 206 30.18 -17.29 18.87
N VAL E 207 30.52 -16.25 19.63
CA VAL E 207 30.98 -14.99 19.06
C VAL E 207 32.25 -15.20 18.25
N GLN E 208 33.19 -15.99 18.77
CA GLN E 208 34.44 -16.23 18.07
C GLN E 208 34.16 -16.87 16.70
N ALA E 209 33.32 -17.90 16.70
CA ALA E 209 32.96 -18.59 15.45
C ALA E 209 32.23 -17.67 14.48
N LEU E 210 31.46 -16.73 15.01
CA LEU E 210 30.72 -15.80 14.14
C LEU E 210 31.73 -14.85 13.48
N LYS E 211 32.70 -14.38 14.24
CA LYS E 211 33.71 -13.48 13.69
C LYS E 211 34.46 -14.22 12.60
N ALA E 212 34.73 -15.50 12.83
CA ALA E 212 35.47 -16.31 11.86
C ALA E 212 34.69 -16.44 10.55
N GLU E 213 33.37 -16.44 10.65
CA GLU E 213 32.51 -16.54 9.48
C GLU E 213 31.90 -15.16 9.18
N ALA E 214 32.71 -14.22 8.67
CA ALA E 214 32.17 -12.90 8.41
C ALA E 214 32.86 -11.99 7.39
N PRO E 215 34.21 -11.99 7.36
CA PRO E 215 34.96 -11.14 6.43
C PRO E 215 34.54 -11.25 4.95
N PRO F 2 22.48 -16.04 -9.46
CA PRO F 2 21.13 -16.37 -9.98
C PRO F 2 20.03 -15.87 -9.04
N LYS F 3 18.88 -16.54 -9.07
CA LYS F 3 17.76 -16.15 -8.22
C LYS F 3 18.11 -16.52 -6.77
N LYS F 4 17.81 -15.60 -5.87
CA LYS F 4 18.11 -15.79 -4.46
C LYS F 4 17.02 -16.52 -3.68
N PRO F 5 17.29 -16.87 -2.42
CA PRO F 5 16.25 -17.56 -1.66
C PRO F 5 15.05 -16.59 -1.60
N LEU F 6 13.86 -17.13 -1.46
CA LEU F 6 12.64 -16.33 -1.40
C LEU F 6 12.72 -15.07 -0.53
N ILE F 7 12.97 -15.26 0.77
CA ILE F 7 13.07 -14.16 1.73
C ILE F 7 14.06 -13.07 1.31
N ASP F 8 15.21 -13.46 0.79
CA ASP F 8 16.24 -12.53 0.33
C ASP F 8 15.84 -11.74 -0.93
N GLN F 9 14.80 -12.16 -1.63
CA GLN F 9 14.37 -11.42 -2.82
C GLN F 9 13.56 -10.20 -2.38
N LEU F 10 13.33 -10.07 -1.07
CA LEU F 10 12.61 -8.92 -0.54
C LEU F 10 13.65 -7.88 -0.14
N HIS F 11 13.49 -6.65 -0.60
CA HIS F 11 14.41 -5.55 -0.28
C HIS F 11 13.56 -4.35 0.17
N HIS F 12 14.00 -3.63 1.20
CA HIS F 12 13.22 -2.50 1.70
C HIS F 12 12.87 -1.47 0.63
N GLU F 13 13.65 -1.45 -0.46
CA GLU F 13 13.41 -0.53 -1.57
C GLU F 13 12.19 -0.95 -2.38
N ASP F 14 12.10 -2.26 -2.61
CA ASP F 14 11.03 -2.84 -3.41
C ASP F 14 9.73 -3.05 -2.65
N SER F 15 9.10 -1.95 -2.27
CA SER F 15 7.86 -2.02 -1.50
C SER F 15 6.66 -2.59 -2.23
N TRP F 16 6.50 -2.27 -3.51
CA TRP F 16 5.36 -2.79 -4.27
C TRP F 16 5.29 -4.31 -4.32
N ARG F 17 6.45 -4.95 -4.28
CA ARG F 17 6.53 -6.40 -4.31
C ARG F 17 5.70 -6.96 -3.14
N LEU F 18 5.61 -6.20 -2.05
CA LEU F 18 4.87 -6.64 -0.88
C LEU F 18 3.38 -6.94 -1.15
N PHE F 19 2.80 -6.30 -2.17
CA PHE F 19 1.39 -6.56 -2.48
C PHE F 19 1.20 -7.98 -2.99
N ARG F 20 2.26 -8.62 -3.43
CA ARG F 20 2.14 -9.99 -3.92
C ARG F 20 1.85 -10.92 -2.73
N ILE F 21 2.32 -10.52 -1.54
CA ILE F 21 2.10 -11.30 -0.34
C ILE F 21 0.65 -11.09 0.12
N LEU F 22 0.23 -9.83 0.12
CA LEU F 22 -1.13 -9.49 0.54
C LEU F 22 -2.19 -10.15 -0.31
N ALA F 23 -1.97 -10.17 -1.63
CA ALA F 23 -2.91 -10.77 -2.55
C ALA F 23 -2.99 -12.29 -2.36
N GLU F 24 -1.88 -12.89 -1.93
CA GLU F 24 -1.84 -14.33 -1.69
C GLU F 24 -2.73 -14.64 -0.49
N PHE F 25 -2.74 -13.76 0.50
CA PHE F 25 -3.59 -13.94 1.68
C PHE F 25 -5.04 -13.78 1.24
N VAL F 26 -5.33 -12.70 0.53
CA VAL F 26 -6.70 -12.48 0.07
C VAL F 26 -7.21 -13.71 -0.65
N GLU F 27 -6.52 -14.12 -1.70
CA GLU F 27 -6.91 -15.29 -2.45
C GLU F 27 -7.06 -16.53 -1.57
N GLY F 28 -6.09 -16.78 -0.70
CA GLY F 28 -6.16 -17.94 0.17
C GLY F 28 -7.38 -17.97 1.06
N PHE F 29 -7.73 -16.81 1.63
CA PHE F 29 -8.89 -16.69 2.51
C PHE F 29 -10.19 -16.93 1.74
N GLU F 30 -10.27 -16.45 0.51
CA GLU F 30 -11.49 -16.65 -0.27
C GLU F 30 -11.64 -18.13 -0.59
N THR F 31 -10.57 -18.72 -1.11
CA THR F 31 -10.60 -20.12 -1.47
C THR F 31 -10.98 -21.05 -0.32
N LEU F 32 -10.35 -20.90 0.84
CA LEU F 32 -10.66 -21.78 1.96
C LEU F 32 -11.96 -21.43 2.68
N SER F 33 -12.27 -20.13 2.80
CA SER F 33 -13.49 -19.74 3.51
C SER F 33 -14.78 -20.09 2.78
N GLU F 34 -14.72 -20.25 1.47
CA GLU F 34 -15.92 -20.58 0.70
C GLU F 34 -16.28 -22.05 0.89
N LEU F 35 -15.29 -22.86 1.24
CA LEU F 35 -15.53 -24.29 1.46
C LEU F 35 -16.44 -24.45 2.66
N GLN F 36 -17.30 -25.45 2.62
CA GLN F 36 -18.17 -25.65 3.75
C GLN F 36 -17.85 -26.86 4.61
N VAL F 37 -17.19 -27.86 4.05
CA VAL F 37 -16.82 -29.02 4.85
C VAL F 37 -15.87 -28.56 5.98
N PRO F 38 -15.88 -29.25 7.13
CA PRO F 38 -15.00 -28.88 8.23
C PRO F 38 -13.59 -29.20 7.78
N LEU F 39 -12.67 -28.27 7.97
CA LEU F 39 -11.29 -28.43 7.52
C LEU F 39 -10.31 -28.84 8.58
N VAL F 40 -9.70 -30.02 8.38
CA VAL F 40 -8.72 -30.54 9.30
C VAL F 40 -7.36 -30.50 8.60
N SER F 41 -6.37 -29.92 9.28
CA SER F 41 -5.04 -29.82 8.74
C SER F 41 -4.18 -31.01 9.15
N VAL F 42 -3.35 -31.46 8.23
CA VAL F 42 -2.48 -32.60 8.51
C VAL F 42 -1.09 -32.34 7.96
N PHE F 43 -0.09 -32.64 8.77
CA PHE F 43 1.28 -32.43 8.32
C PHE F 43 2.06 -33.69 8.67
N GLY F 44 3.05 -33.99 7.86
CA GLY F 44 3.85 -35.18 8.08
C GLY F 44 5.00 -35.21 7.10
N SER F 45 5.89 -36.16 7.29
CA SER F 45 7.08 -36.34 6.47
C SER F 45 6.86 -36.27 4.96
N ALA F 46 7.75 -35.55 4.30
CA ALA F 46 7.70 -35.45 2.85
C ALA F 46 8.61 -36.55 2.24
N ARG F 47 9.23 -37.36 3.07
CA ARG F 47 10.13 -38.40 2.57
C ARG F 47 9.67 -39.84 2.75
N PHE F 48 8.65 -40.04 3.59
CA PHE F 48 8.15 -41.39 3.80
C PHE F 48 7.18 -41.73 2.68
N GLY F 49 7.61 -42.61 1.77
CA GLY F 49 6.79 -42.99 0.63
C GLY F 49 5.95 -44.25 0.83
N GLU F 50 5.42 -44.77 -0.27
CA GLU F 50 4.58 -45.97 -0.22
C GLU F 50 5.17 -47.14 0.52
N GLY F 51 4.40 -47.71 1.44
CA GLY F 51 4.89 -48.84 2.21
C GLY F 51 5.48 -48.47 3.55
N HIS F 52 5.73 -47.18 3.77
CA HIS F 52 6.29 -46.74 5.04
C HIS F 52 5.13 -46.68 6.02
N PRO F 53 5.37 -47.07 7.27
CA PRO F 53 4.31 -47.04 8.27
C PRO F 53 3.56 -45.71 8.30
N ALA F 54 4.30 -44.60 8.30
CA ALA F 54 3.70 -43.28 8.35
C ALA F 54 2.85 -42.99 7.10
N TYR F 55 3.25 -43.55 5.96
CA TYR F 55 2.49 -43.36 4.72
C TYR F 55 1.15 -44.09 4.81
N GLU F 56 1.21 -45.35 5.25
CA GLU F 56 0.03 -46.19 5.39
C GLU F 56 -0.94 -45.55 6.40
N ALA F 57 -0.38 -45.04 7.49
CA ALA F 57 -1.19 -44.40 8.51
C ALA F 57 -1.82 -43.14 7.91
N GLY F 58 -1.04 -42.41 7.13
CA GLY F 58 -1.53 -41.21 6.48
C GLY F 58 -2.70 -41.54 5.57
N TYR F 59 -2.59 -42.63 4.84
CA TYR F 59 -3.67 -43.03 3.95
C TYR F 59 -4.95 -43.37 4.72
N ARG F 60 -4.82 -44.14 5.79
CA ARG F 60 -5.97 -44.52 6.59
C ARG F 60 -6.63 -43.28 7.20
N LEU F 61 -5.82 -42.31 7.61
CA LEU F 61 -6.33 -41.08 8.23
C LEU F 61 -7.15 -40.24 7.24
N GLY F 62 -6.59 -40.00 6.06
CA GLY F 62 -7.29 -39.23 5.06
C GLY F 62 -8.63 -39.87 4.76
N ARG F 63 -8.62 -41.18 4.61
CA ARG F 63 -9.82 -41.93 4.30
C ARG F 63 -10.87 -41.75 5.40
N ALA F 64 -10.47 -42.04 6.62
CA ALA F 64 -11.37 -41.91 7.78
C ALA F 64 -11.95 -40.50 7.91
N LEU F 65 -11.10 -39.49 7.74
CA LEU F 65 -11.53 -38.11 7.84
C LEU F 65 -12.58 -37.81 6.77
N ALA F 66 -12.32 -38.24 5.53
CA ALA F 66 -13.27 -38.04 4.45
C ALA F 66 -14.57 -38.78 4.75
N GLU F 67 -14.46 -40.06 5.08
CA GLU F 67 -15.61 -40.88 5.42
C GLU F 67 -16.47 -40.15 6.46
N ALA F 68 -15.83 -39.38 7.35
CA ALA F 68 -16.49 -38.65 8.42
C ALA F 68 -17.07 -37.29 8.02
N GLY F 69 -16.84 -36.86 6.78
CA GLY F 69 -17.38 -35.59 6.34
C GLY F 69 -16.45 -34.41 6.49
N PHE F 70 -15.22 -34.67 6.92
CA PHE F 70 -14.26 -33.59 7.06
C PHE F 70 -13.51 -33.39 5.76
N GLY F 71 -12.87 -32.23 5.63
CA GLY F 71 -12.05 -31.96 4.47
C GLY F 71 -10.63 -31.98 5.03
N VAL F 72 -9.65 -32.37 4.23
CA VAL F 72 -8.27 -32.39 4.72
C VAL F 72 -7.42 -31.33 4.02
N VAL F 73 -6.54 -30.69 4.78
CA VAL F 73 -5.66 -29.66 4.26
C VAL F 73 -4.22 -30.05 4.55
N THR F 74 -3.45 -30.27 3.49
CA THR F 74 -2.05 -30.64 3.63
C THR F 74 -1.16 -29.63 2.94
N GLY F 75 0.15 -29.91 2.92
CA GLY F 75 1.09 -29.02 2.25
C GLY F 75 1.12 -29.31 0.77
N GLY F 76 0.35 -30.31 0.35
CA GLY F 76 0.27 -30.69 -1.05
C GLY F 76 1.50 -31.33 -1.66
N GLY F 77 2.42 -31.83 -0.84
CA GLY F 77 3.62 -32.44 -1.40
C GLY F 77 3.59 -33.96 -1.40
N PRO F 78 4.75 -34.61 -1.56
CA PRO F 78 4.90 -36.06 -1.60
C PRO F 78 4.89 -36.63 -0.20
N GLY F 79 5.27 -37.90 -0.08
CA GLY F 79 5.32 -38.54 1.22
C GLY F 79 3.98 -38.70 1.90
N VAL F 80 4.00 -38.69 3.23
CA VAL F 80 2.79 -38.86 4.02
C VAL F 80 1.75 -37.80 3.67
N GLU F 82 1.14 -36.71 0.56
CA GLU F 82 0.48 -37.30 -0.58
C GLU F 82 -0.41 -38.44 -0.12
N ALA F 83 0.01 -39.14 0.93
CA ALA F 83 -0.75 -40.27 1.43
C ALA F 83 -2.09 -39.81 1.95
N VAL F 84 -2.06 -38.72 2.72
CA VAL F 84 -3.25 -38.16 3.29
C VAL F 84 -4.20 -37.60 2.24
N ASN F 85 -3.68 -36.80 1.30
CA ASN F 85 -4.56 -36.28 0.26
C ASN F 85 -5.12 -37.47 -0.51
N ARG F 86 -4.26 -38.47 -0.77
CA ARG F 86 -4.69 -39.66 -1.51
C ARG F 86 -5.79 -40.43 -0.81
N GLY F 87 -5.59 -40.70 0.49
CA GLY F 87 -6.60 -41.43 1.21
C GLY F 87 -7.95 -40.71 1.22
N ALA F 88 -7.93 -39.40 1.40
CA ALA F 88 -9.17 -38.61 1.44
C ALA F 88 -9.78 -38.55 0.05
N TYR F 89 -8.94 -38.18 -0.90
CA TYR F 89 -9.31 -38.06 -2.29
C TYR F 89 -10.00 -39.30 -2.84
N GLU F 90 -9.41 -40.48 -2.59
CA GLU F 90 -9.98 -41.68 -3.14
C GLU F 90 -11.25 -42.13 -2.43
N ALA F 91 -11.51 -41.58 -1.26
CA ALA F 91 -12.71 -41.93 -0.52
C ALA F 91 -13.86 -40.97 -0.88
N GLY F 92 -13.62 -40.05 -1.80
CA GLY F 92 -14.66 -39.12 -2.20
C GLY F 92 -14.69 -37.85 -1.35
N GLY F 93 -13.68 -37.66 -0.51
CA GLY F 93 -13.65 -36.47 0.33
C GLY F 93 -13.08 -35.25 -0.38
N VAL F 94 -13.19 -34.10 0.27
CA VAL F 94 -12.65 -32.86 -0.29
C VAL F 94 -11.18 -32.81 0.13
N SER F 95 -10.28 -32.77 -0.85
CA SER F 95 -8.85 -32.75 -0.58
C SER F 95 -8.23 -31.40 -0.95
N VAL F 96 -7.62 -30.74 0.02
CA VAL F 96 -7.00 -29.44 -0.21
C VAL F 96 -5.48 -29.50 -0.04
N GLY F 97 -4.76 -28.79 -0.91
CA GLY F 97 -3.32 -28.76 -0.82
C GLY F 97 -2.81 -27.33 -0.87
N LEU F 98 -2.03 -26.93 0.13
CA LEU F 98 -1.47 -25.59 0.17
C LEU F 98 -0.06 -25.73 -0.39
N ASN F 99 0.03 -25.79 -1.72
CA ASN F 99 1.28 -25.99 -2.47
C ASN F 99 2.26 -24.84 -2.59
N ILE F 100 3.50 -25.08 -2.18
CA ILE F 100 4.53 -24.05 -2.29
C ILE F 100 5.29 -24.25 -3.59
N PRO F 108 3.16 -30.93 -7.28
CA PRO F 108 2.00 -31.12 -6.39
C PRO F 108 1.42 -32.52 -6.59
N ASN F 109 1.11 -33.23 -5.50
CA ASN F 109 0.55 -34.56 -5.64
C ASN F 109 -0.77 -34.45 -6.43
N PRO F 110 -1.16 -35.50 -7.18
CA PRO F 110 -2.40 -35.43 -7.98
C PRO F 110 -3.66 -35.89 -7.27
N TYR F 111 -3.77 -35.62 -5.98
CA TYR F 111 -4.93 -36.05 -5.23
C TYR F 111 -5.52 -34.86 -4.49
N GLN F 112 -5.70 -33.78 -5.22
CA GLN F 112 -6.23 -32.56 -4.64
C GLN F 112 -7.48 -32.07 -5.34
N THR F 113 -8.52 -31.80 -4.56
CA THR F 113 -9.76 -31.29 -5.09
C THR F 113 -9.50 -29.81 -5.35
N HIS F 114 -8.79 -29.18 -4.42
CA HIS F 114 -8.43 -27.76 -4.53
C HIS F 114 -6.96 -27.63 -4.23
N ALA F 115 -6.18 -27.29 -5.25
CA ALA F 115 -4.75 -27.09 -5.08
C ALA F 115 -4.46 -25.60 -5.08
N LEU F 116 -4.04 -25.07 -3.94
CA LEU F 116 -3.70 -23.65 -3.82
C LEU F 116 -2.24 -23.50 -4.22
N SER F 117 -1.93 -22.46 -5.01
CA SER F 117 -0.55 -22.22 -5.40
C SER F 117 -0.06 -21.00 -4.65
N LEU F 118 0.85 -21.25 -3.73
CA LEU F 118 1.39 -20.21 -2.87
C LEU F 118 2.89 -19.97 -3.08
N ARG F 119 3.27 -18.70 -3.08
CA ARG F 119 4.65 -18.28 -3.28
C ARG F 119 5.38 -18.16 -1.94
N TYR F 120 4.65 -17.74 -0.91
CA TYR F 120 5.23 -17.56 0.42
C TYR F 120 4.80 -18.57 1.47
N PHE F 121 5.79 -19.15 2.12
CA PHE F 121 5.56 -20.16 3.15
C PHE F 121 4.79 -19.64 4.35
N PHE F 122 5.04 -18.41 4.76
CA PHE F 122 4.32 -17.88 5.91
C PHE F 122 2.82 -17.66 5.64
N VAL F 123 2.43 -17.43 4.39
CA VAL F 123 1.01 -17.28 4.09
C VAL F 123 0.41 -18.67 4.33
N ARG F 124 1.11 -19.71 3.88
CA ARG F 124 0.64 -21.06 4.08
C ARG F 124 0.42 -21.34 5.57
N LYS F 125 1.41 -21.01 6.38
CA LYS F 125 1.28 -21.22 7.82
C LYS F 125 -0.04 -20.60 8.33
N VAL F 126 -0.36 -19.38 7.92
CA VAL F 126 -1.64 -18.77 8.35
C VAL F 126 -2.83 -19.58 7.82
N LEU F 127 -2.76 -19.98 6.55
CA LEU F 127 -3.85 -20.73 5.93
C LEU F 127 -4.11 -22.10 6.55
N PHE F 128 -3.07 -22.69 7.12
CA PHE F 128 -3.22 -23.99 7.77
C PHE F 128 -4.09 -23.92 9.02
N VAL F 129 -4.12 -22.75 9.66
CA VAL F 129 -4.89 -22.61 10.89
C VAL F 129 -6.08 -21.66 10.87
N ARG F 130 -6.15 -20.74 9.92
CA ARG F 130 -7.26 -19.78 9.91
C ARG F 130 -8.64 -20.43 10.00
N TYR F 131 -8.83 -21.56 9.31
CA TYR F 131 -10.11 -22.27 9.31
C TYR F 131 -10.02 -23.69 9.87
N ALA F 132 -8.98 -23.99 10.65
CA ALA F 132 -8.81 -25.34 11.20
C ALA F 132 -9.76 -25.72 12.32
N VAL F 133 -10.31 -26.92 12.21
CA VAL F 133 -11.25 -27.48 13.17
C VAL F 133 -10.48 -28.54 13.98
N GLY F 134 -9.23 -28.75 13.57
CA GLY F 134 -8.35 -29.71 14.21
C GLY F 134 -7.05 -29.77 13.43
N PHE F 135 -6.01 -30.35 14.01
CA PHE F 135 -4.71 -30.44 13.32
C PHE F 135 -4.03 -31.76 13.73
N VAL F 136 -3.66 -32.58 12.75
CA VAL F 136 -3.03 -33.88 13.02
C VAL F 136 -1.58 -33.95 12.53
N PHE F 137 -0.68 -34.41 13.37
CA PHE F 137 0.71 -34.53 12.98
C PHE F 137 1.16 -35.98 13.00
N LEU F 138 1.77 -36.40 11.89
CA LEU F 138 2.30 -37.76 11.71
C LEU F 138 3.83 -37.69 11.65
N PRO F 139 4.53 -38.84 11.76
CA PRO F 139 6.00 -38.83 11.72
C PRO F 139 6.63 -38.03 10.56
N GLY F 140 7.50 -37.08 10.91
CA GLY F 140 8.15 -36.27 9.89
C GLY F 140 9.44 -35.68 10.42
N GLY F 141 10.00 -34.71 9.70
CA GLY F 141 11.25 -34.10 10.13
C GLY F 141 11.16 -32.65 10.57
N PHE F 142 11.99 -31.81 9.97
CA PHE F 142 12.02 -30.39 10.31
C PHE F 142 10.71 -29.68 9.96
N GLY F 143 10.22 -29.87 8.76
CA GLY F 143 8.98 -29.23 8.36
C GLY F 143 7.83 -29.52 9.31
N THR F 144 7.73 -30.80 9.71
CA THR F 144 6.67 -31.22 10.61
C THR F 144 6.90 -30.65 11.99
N LEU F 145 8.14 -30.64 12.46
CA LEU F 145 8.43 -30.08 13.77
C LEU F 145 8.14 -28.58 13.69
N ASP F 146 8.58 -27.97 12.59
CA ASP F 146 8.35 -26.56 12.38
C ASP F 146 6.88 -26.25 12.57
N GLU F 147 6.04 -26.92 11.80
CA GLU F 147 4.61 -26.68 11.88
C GLU F 147 3.99 -26.98 13.25
N LEU F 148 4.36 -28.09 13.88
CA LEU F 148 3.82 -28.42 15.20
C LEU F 148 4.21 -27.33 16.20
N SER F 149 5.47 -26.91 16.14
CA SER F 149 6.01 -25.88 17.03
C SER F 149 5.21 -24.59 16.95
N GLU F 150 4.93 -24.16 15.73
CA GLU F 150 4.20 -22.91 15.54
C GLU F 150 2.78 -23.05 16.04
N VAL F 151 2.17 -24.21 15.79
CA VAL F 151 0.81 -24.43 16.25
C VAL F 151 0.75 -24.35 17.77
N LEU F 152 1.70 -25.00 18.46
CA LEU F 152 1.69 -24.95 19.91
C LEU F 152 1.80 -23.50 20.40
N VAL F 153 2.73 -22.73 19.83
CA VAL F 153 2.89 -21.33 20.22
C VAL F 153 1.60 -20.54 19.98
N LEU F 154 1.08 -20.65 18.76
CA LEU F 154 -0.14 -19.95 18.37
C LEU F 154 -1.29 -20.25 19.33
N LEU F 155 -1.49 -21.50 19.70
CA LEU F 155 -2.55 -21.85 20.64
C LEU F 155 -2.16 -21.41 22.06
N GLN F 156 -0.95 -21.77 22.46
CA GLN F 156 -0.47 -21.41 23.79
C GLN F 156 -0.69 -19.92 24.08
N THR F 157 -0.43 -19.07 23.08
CA THR F 157 -0.58 -17.65 23.25
C THR F 157 -1.89 -17.12 22.71
N GLU F 158 -2.78 -18.03 22.32
CA GLU F 158 -4.09 -17.68 21.82
C GLU F 158 -4.14 -16.72 20.64
N LYS F 159 -3.27 -16.91 19.65
CA LYS F 159 -3.26 -16.06 18.47
C LYS F 159 -4.29 -16.54 17.45
N VAL F 160 -4.90 -17.69 17.74
CA VAL F 160 -5.91 -18.26 16.85
C VAL F 160 -6.92 -19.01 17.70
N HIS F 161 -8.10 -19.28 17.14
CA HIS F 161 -9.11 -20.00 17.88
C HIS F 161 -8.52 -21.35 18.25
N ARG F 162 -8.93 -21.89 19.40
CA ARG F 162 -8.43 -23.18 19.85
C ARG F 162 -9.01 -24.33 19.02
N PHE F 163 -8.21 -25.37 18.85
CA PHE F 163 -8.62 -26.58 18.14
C PHE F 163 -7.75 -27.70 18.68
N PRO F 164 -8.23 -28.95 18.56
CA PRO F 164 -7.46 -30.10 19.05
C PRO F 164 -6.26 -30.35 18.16
N VAL F 165 -5.19 -30.87 18.77
CA VAL F 165 -3.96 -31.19 18.06
C VAL F 165 -3.57 -32.61 18.43
N PHE F 166 -3.41 -33.45 17.41
CA PHE F 166 -3.07 -34.84 17.63
C PHE F 166 -1.74 -35.21 17.02
N LEU F 167 -0.98 -36.03 17.75
CA LEU F 167 0.29 -36.52 17.26
C LEU F 167 0.09 -38.02 17.13
N LEU F 168 0.21 -38.52 15.90
CA LEU F 168 0.04 -39.95 15.66
C LEU F 168 1.37 -40.68 15.72
N ASP F 169 1.38 -41.81 16.43
CA ASP F 169 2.56 -42.68 16.60
C ASP F 169 3.40 -42.35 17.84
N ARG F 170 2.99 -42.91 18.98
CA ARG F 170 3.65 -42.68 20.26
C ARG F 170 5.16 -42.91 20.31
N GLY F 171 5.59 -44.04 19.75
CA GLY F 171 6.99 -44.38 19.76
C GLY F 171 7.81 -43.34 19.04
N TYR F 172 7.27 -42.83 17.95
CA TYR F 172 7.97 -41.84 17.15
C TYR F 172 8.07 -40.48 17.83
N TRP F 173 6.97 -39.99 18.39
CA TRP F 173 6.97 -38.68 19.05
C TRP F 173 7.62 -38.71 20.43
N GLU F 174 7.71 -39.90 20.99
CA GLU F 174 8.30 -40.14 22.31
C GLU F 174 9.31 -39.09 22.79
N GLY F 175 10.50 -39.11 22.20
CA GLY F 175 11.57 -38.19 22.58
C GLY F 175 11.16 -36.74 22.71
N LEU F 176 10.44 -36.23 21.73
CA LEU F 176 10.00 -34.84 21.78
C LEU F 176 9.02 -34.61 22.93
N VAL F 177 8.02 -35.47 23.06
CA VAL F 177 7.04 -35.30 24.12
C VAL F 177 7.73 -35.29 25.48
N ARG F 178 8.71 -36.16 25.65
CA ARG F 178 9.44 -36.21 26.91
C ARG F 178 10.26 -34.96 27.12
N TRP F 179 10.91 -34.47 26.08
CA TRP F 179 11.70 -33.26 26.22
C TRP F 179 10.77 -32.11 26.65
N LEU F 180 9.54 -32.11 26.11
CA LEU F 180 8.57 -31.07 26.44
C LEU F 180 8.17 -31.17 27.91
N ALA F 181 8.10 -32.39 28.42
CA ALA F 181 7.78 -32.64 29.82
C ALA F 181 8.95 -32.02 30.60
N PHE F 182 10.15 -32.18 30.07
CA PHE F 182 11.32 -31.60 30.72
C PHE F 182 11.17 -30.07 30.77
N LEU F 183 10.81 -29.47 29.64
CA LEU F 183 10.62 -28.01 29.57
C LEU F 183 9.61 -27.59 30.63
N ARG F 184 8.61 -28.44 30.85
CA ARG F 184 7.62 -28.09 31.84
C ARG F 184 8.24 -28.22 33.23
N ASP F 185 9.15 -29.18 33.42
CA ASP F 185 9.79 -29.34 34.72
C ASP F 185 10.61 -28.09 35.01
N GLN F 186 11.27 -27.58 33.97
CA GLN F 186 12.12 -26.41 34.06
C GLN F 186 11.35 -25.11 34.21
N LYS F 187 10.04 -25.18 33.97
CA LYS F 187 9.15 -24.03 34.05
C LYS F 187 9.25 -23.10 32.84
N ALA F 188 9.71 -23.64 31.71
CA ALA F 188 9.79 -22.83 30.49
C ALA F 188 8.39 -22.74 29.91
N VAL F 189 7.55 -23.73 30.22
CA VAL F 189 6.17 -23.73 29.73
C VAL F 189 5.18 -23.84 30.89
N GLY F 190 3.97 -23.40 30.65
CA GLY F 190 2.93 -23.42 31.66
C GLY F 190 2.46 -24.80 32.09
N PRO F 191 1.88 -24.89 33.30
CA PRO F 191 1.37 -26.11 33.92
C PRO F 191 0.58 -27.00 32.98
N GLU F 192 -0.28 -26.40 32.18
CA GLU F 192 -1.10 -27.16 31.25
C GLU F 192 -0.90 -26.84 29.77
N ASP F 193 0.32 -26.49 29.40
CA ASP F 193 0.60 -26.19 28.00
C ASP F 193 0.78 -27.47 27.21
N LEU F 194 1.18 -28.56 27.88
CA LEU F 194 1.36 -29.84 27.23
C LEU F 194 0.00 -30.49 26.97
N GLN F 195 -1.05 -29.85 27.48
CA GLN F 195 -2.41 -30.34 27.30
C GLN F 195 -2.98 -29.81 25.99
N LEU F 196 -2.15 -29.10 25.25
CA LEU F 196 -2.55 -28.53 23.98
C LEU F 196 -2.61 -29.60 22.88
N PHE F 197 -1.84 -30.67 23.06
CA PHE F 197 -1.82 -31.74 22.08
C PHE F 197 -2.15 -33.07 22.73
N ARG F 198 -2.60 -34.02 21.91
CA ARG F 198 -2.98 -35.35 22.38
C ARG F 198 -2.16 -36.40 21.62
N LEU F 199 -1.83 -37.50 22.27
CA LEU F 199 -1.08 -38.55 21.61
C LEU F 199 -1.94 -39.79 21.36
N THR F 200 -1.83 -40.34 20.15
CA THR F 200 -2.59 -41.54 19.79
C THR F 200 -1.91 -42.36 18.69
N ASP F 201 -2.27 -43.64 18.61
CA ASP F 201 -1.71 -44.50 17.58
C ASP F 201 -2.76 -44.88 16.57
N GLU F 202 -3.99 -44.43 16.81
CA GLU F 202 -5.10 -44.77 15.94
C GLU F 202 -5.81 -43.65 15.20
N PRO F 203 -5.79 -43.70 13.86
CA PRO F 203 -6.47 -42.64 13.10
C PRO F 203 -7.95 -42.60 13.46
N GLU F 204 -8.47 -43.70 13.98
CA GLU F 204 -9.88 -43.75 14.37
C GLU F 204 -10.14 -42.93 15.62
N GLU F 205 -9.16 -42.91 16.53
CA GLU F 205 -9.31 -42.16 17.77
C GLU F 205 -9.30 -40.68 17.43
N VAL F 206 -8.62 -40.33 16.35
CA VAL F 206 -8.58 -38.93 15.94
C VAL F 206 -9.95 -38.52 15.40
N VAL F 207 -10.52 -39.35 14.53
CA VAL F 207 -11.81 -39.04 13.96
C VAL F 207 -12.88 -38.99 15.03
N GLN F 208 -12.85 -39.95 15.95
CA GLN F 208 -13.85 -39.96 17.01
C GLN F 208 -13.77 -38.66 17.80
N ALA F 209 -12.57 -38.30 18.22
CA ALA F 209 -12.37 -37.07 18.98
C ALA F 209 -12.98 -35.86 18.28
N LEU F 210 -12.63 -35.67 17.00
CA LEU F 210 -13.13 -34.53 16.22
C LEU F 210 -14.63 -34.53 16.06
N LYS F 211 -15.22 -35.68 15.80
CA LYS F 211 -16.66 -35.77 15.63
C LYS F 211 -17.34 -35.33 16.92
N ALA F 212 -16.70 -35.67 18.05
CA ALA F 212 -17.24 -35.34 19.36
C ALA F 212 -17.15 -33.86 19.71
N GLU F 213 -16.78 -33.02 18.74
CA GLU F 213 -16.65 -31.59 19.00
C GLU F 213 -17.34 -30.72 17.94
#